data_2FQ6
#
_entry.id   2FQ6
#
_cell.length_a   59.830
_cell.length_b   153.470
_cell.length_c   151.450
_cell.angle_alpha   90.00
_cell.angle_beta   90.00
_cell.angle_gamma   90.00
#
_symmetry.space_group_name_H-M   'C 2 2 21'
#
loop_
_entity.id
_entity.type
_entity.pdbx_description
1 polymer 'Cystathionine beta-lyase'
2 non-polymer 'PHOSPHORIC ACID MONO-(5-HYDROXY-6-METHYL-4-{[2-(2-TRIFLUOROMETHYL-BENZOYLAMINO)-ACETYL]-HYDRAZONOMETHYL}-PYRIDIN-3-YLMETHYL)ESTER'
3 water water
#
_entity_poly.entity_id   1
_entity_poly.type   'polypeptide(L)'
_entity_poly.pdbx_seq_one_letter_code
;MGSSHHHHHHSSGLVPRGSHMADKKLDTQLVNAGRSKKYTLGAVNSVIQRASSLVFDSVEAKKHATRNRANGELFYGRRG
TLTHFSLQQAMCELEGGAGCVLFPCGAAAVANSILAFIEQGDHVLMTNTAYEPSQDFCSKILSKLGVTTSWFDPLIGADI
VKHLQPNTKIVFLESPGSITMEVHDVPAIVAAVRSVVPDAIIMIDNTWAAGVLFKALDFGIDVSIQAATKYLVGHSDAMI
GTAVCNARCWEQLRENAYLMGQMVDADTAYITSRGLRTLGVRLRQHHESSLKVAEWLAEHPQVARVNHPALPGSKGHEFW
KRDFTGSSGLFSFVLKKKLNNEELANYLDNFSLFSMAYSWGGYESLILANQPEHIAAIRPQGEIDFSGTLIRLHIGLEDV
DDLIADLDAGFARIV
;
_entity_poly.pdbx_strand_id   A,B
#
loop_
_chem_comp.id
_chem_comp.type
_chem_comp.name
_chem_comp.formula
P3F non-polymer 'PHOSPHORIC ACID MONO-(5-HYDROXY-6-METHYL-4-{[2-(2-TRIFLUOROMETHYL-BENZOYLAMINO)-ACETYL]-HYDRAZONOMETHYL}-PYRIDIN-3-YLMETHYL)ESTER' 'C18 H18 F3 N4 O7 P'
#
# COMPACT_ATOMS: atom_id res chain seq x y z
N LYS A 25 25.58 -15.59 14.47
CA LYS A 25 25.49 -15.13 13.07
C LYS A 25 24.07 -15.03 12.54
N LEU A 26 23.09 -15.55 13.30
CA LEU A 26 21.69 -15.42 12.92
C LEU A 26 21.31 -13.95 12.65
N ASP A 27 21.79 -13.01 13.48
CA ASP A 27 21.44 -11.58 13.27
C ASP A 27 21.93 -11.07 11.94
N THR A 28 23.12 -11.50 11.56
CA THR A 28 23.69 -11.12 10.29
C THR A 28 22.93 -11.75 9.11
N GLN A 29 22.59 -13.02 9.25
CA GLN A 29 21.84 -13.76 8.24
C GLN A 29 20.48 -13.09 8.06
N LEU A 30 19.84 -12.74 9.17
CA LEU A 30 18.53 -12.13 9.06
C LEU A 30 18.56 -10.82 8.27
N VAL A 31 19.51 -9.96 8.63
CA VAL A 31 19.73 -8.70 7.90
C VAL A 31 19.94 -8.88 6.36
N ASN A 32 20.66 -9.94 5.97
CA ASN A 32 21.06 -10.11 4.59
C ASN A 32 20.25 -11.08 3.73
N ALA A 33 19.54 -11.98 4.39
CA ALA A 33 18.74 -13.04 3.76
C ALA A 33 17.88 -12.51 2.62
N GLY A 34 18.15 -13.05 1.43
CA GLY A 34 17.40 -12.73 0.22
C GLY A 34 17.79 -11.43 -0.50
N ARG A 35 18.73 -10.67 0.07
CA ARG A 35 19.08 -9.34 -0.43
C ARG A 35 20.22 -9.37 -1.45
N SER A 36 20.12 -10.24 -2.44
CA SER A 36 21.04 -10.27 -3.57
C SER A 36 20.78 -9.05 -4.44
N LYS A 37 21.83 -8.54 -5.08
CA LYS A 37 21.69 -7.40 -5.99
C LYS A 37 20.61 -7.61 -7.06
N LYS A 38 20.39 -8.85 -7.50
CA LYS A 38 19.41 -9.07 -8.58
C LYS A 38 17.99 -8.80 -8.10
N TYR A 39 17.82 -8.75 -6.78
CA TYR A 39 16.52 -8.51 -6.17
C TYR A 39 16.29 -7.07 -5.64
N THR A 40 17.36 -6.48 -5.12
CA THR A 40 17.34 -5.12 -4.56
C THR A 40 17.62 -4.01 -5.60
N LEU A 41 18.42 -4.33 -6.62
CA LEU A 41 18.61 -3.41 -7.77
C LEU A 41 19.08 -1.99 -7.42
N GLY A 42 19.86 -1.89 -6.37
CA GLY A 42 20.48 -0.63 -5.97
C GLY A 42 19.95 -0.15 -4.64
N ALA A 43 18.80 -0.68 -4.25
CA ALA A 43 18.18 -0.30 -3.00
C ALA A 43 18.69 -1.23 -1.91
N VAL A 44 18.30 -0.93 -0.68
CA VAL A 44 18.59 -1.77 0.45
C VAL A 44 17.61 -2.97 0.47
N ASN A 45 16.31 -2.71 0.29
CA ASN A 45 15.31 -3.78 0.32
C ASN A 45 15.04 -4.30 -1.09
N SER A 46 14.43 -5.48 -1.22
CA SER A 46 14.08 -5.93 -2.56
C SER A 46 13.09 -4.98 -3.21
N VAL A 47 13.09 -4.90 -4.53
CA VAL A 47 12.07 -4.16 -5.24
C VAL A 47 10.75 -4.87 -4.99
N ILE A 48 9.69 -4.11 -5.22
CA ILE A 48 8.34 -4.64 -5.27
C ILE A 48 7.91 -4.61 -6.73
N GLN A 49 7.81 -5.82 -7.30
CA GLN A 49 7.38 -6.01 -8.65
C GLN A 49 5.97 -6.54 -8.62
N ARG A 50 4.98 -5.67 -8.87
CA ARG A 50 3.60 -6.12 -8.93
C ARG A 50 3.35 -6.57 -10.36
N ALA A 51 2.85 -7.80 -10.54
CA ALA A 51 2.61 -8.28 -11.90
C ALA A 51 1.73 -9.52 -11.91
N SER A 52 0.83 -9.59 -12.89
CA SER A 52 0.34 -10.85 -13.38
C SER A 52 1.15 -11.20 -14.64
N SER A 53 0.84 -10.56 -15.77
CA SER A 53 1.64 -10.76 -16.98
C SER A 53 3.12 -10.42 -16.75
N LEU A 54 3.97 -11.30 -17.27
CA LEU A 54 5.39 -11.05 -17.37
C LEU A 54 5.81 -11.16 -18.86
N VAL A 55 6.44 -10.11 -19.37
CA VAL A 55 6.68 -9.99 -20.83
C VAL A 55 7.94 -10.70 -21.30
N PHE A 56 7.78 -11.44 -22.40
CA PHE A 56 8.85 -12.15 -23.05
C PHE A 56 9.26 -11.32 -24.25
N ASP A 57 10.52 -10.93 -24.29
CA ASP A 57 10.99 -10.09 -25.39
C ASP A 57 11.06 -10.84 -26.72
N SER A 58 11.16 -12.17 -26.67
CA SER A 58 11.24 -12.99 -27.88
C SER A 58 10.67 -14.38 -27.61
N VAL A 59 10.49 -15.16 -28.69
CA VAL A 59 10.06 -16.55 -28.58
C VAL A 59 11.14 -17.40 -27.87
N GLU A 60 12.40 -17.15 -28.18
CA GLU A 60 13.48 -17.82 -27.46
C GLU A 60 13.36 -17.53 -25.96
N ALA A 61 13.22 -16.26 -25.62
CA ALA A 61 13.18 -15.82 -24.22
C ALA A 61 12.02 -16.53 -23.50
N LYS A 62 10.86 -16.59 -24.18
CA LYS A 62 9.67 -17.30 -23.68
C LYS A 62 9.97 -18.80 -23.47
N LYS A 63 10.66 -19.47 -24.41
CA LYS A 63 11.14 -20.86 -24.16
C LYS A 63 11.97 -20.97 -22.89
N HIS A 64 12.94 -20.06 -22.75
CA HIS A 64 13.86 -20.12 -21.61
C HIS A 64 13.12 -19.95 -20.27
N ALA A 65 12.23 -18.95 -20.19
CA ALA A 65 11.43 -18.72 -19.01
C ALA A 65 10.55 -19.94 -18.70
N THR A 66 9.96 -20.52 -19.74
CA THR A 66 9.09 -21.69 -19.56
C THR A 66 9.83 -22.83 -18.93
N ARG A 67 11.00 -23.19 -19.48
CA ARG A 67 11.81 -24.24 -18.85
C ARG A 67 12.28 -23.93 -17.42
N ASN A 68 12.40 -22.64 -17.10
CA ASN A 68 12.82 -22.22 -15.77
C ASN A 68 11.69 -21.60 -14.91
N ARG A 69 10.44 -21.92 -15.19
CA ARG A 69 9.32 -21.23 -14.50
C ARG A 69 9.16 -21.56 -13.01
N ALA A 70 9.78 -22.66 -12.56
CA ALA A 70 9.75 -23.02 -11.14
C ALA A 70 11.13 -22.82 -10.48
N ASN A 71 12.05 -22.18 -11.21
CA ASN A 71 13.48 -22.08 -10.91
C ASN A 71 13.90 -20.58 -10.92
N GLY A 72 12.96 -19.71 -10.60
CA GLY A 72 13.28 -18.28 -10.38
C GLY A 72 13.59 -17.41 -11.60
N GLU A 73 13.11 -17.83 -12.77
CA GLU A 73 13.09 -16.95 -13.93
C GLU A 73 11.65 -16.43 -14.10
N LEU A 74 11.52 -15.12 -14.35
CA LEU A 74 10.22 -14.51 -14.54
C LEU A 74 9.39 -15.21 -15.63
N PHE A 75 8.19 -15.62 -15.27
CA PHE A 75 7.32 -16.37 -16.18
C PHE A 75 5.83 -15.96 -16.09
N TYR A 76 5.27 -16.03 -14.90
CA TYR A 76 3.90 -15.60 -14.72
C TYR A 76 3.75 -15.24 -13.27
N GLY A 77 2.99 -14.18 -12.96
CA GLY A 77 2.86 -13.69 -11.60
C GLY A 77 2.43 -14.72 -10.57
N ARG A 78 1.62 -15.69 -11.02
CA ARG A 78 1.14 -16.77 -10.15
C ARG A 78 2.30 -17.57 -9.58
N ARG A 79 3.37 -17.73 -10.37
CA ARG A 79 4.61 -18.34 -9.87
C ARG A 79 5.51 -17.34 -9.10
N GLY A 80 5.26 -16.04 -9.25
CA GLY A 80 6.02 -15.04 -8.48
C GLY A 80 6.82 -14.09 -9.34
N THR A 81 7.20 -12.97 -8.74
CA THR A 81 8.08 -11.98 -9.33
C THR A 81 9.43 -11.94 -8.55
N LEU A 82 10.27 -10.95 -8.85
CA LEU A 82 11.49 -10.75 -8.09
C LEU A 82 11.28 -10.66 -6.61
N THR A 83 10.16 -10.06 -6.22
CA THR A 83 9.90 -9.89 -4.82
C THR A 83 9.66 -11.24 -4.10
N HIS A 84 8.92 -12.11 -4.76
CA HIS A 84 8.65 -13.45 -4.21
C HIS A 84 9.96 -14.24 -4.20
N PHE A 85 10.72 -14.19 -5.30
CA PHE A 85 11.97 -14.96 -5.39
C PHE A 85 12.92 -14.56 -4.24
N SER A 86 12.99 -13.26 -3.97
CA SER A 86 13.74 -12.76 -2.81
C SER A 86 13.32 -13.35 -1.46
N LEU A 87 12.03 -13.29 -1.13
CA LEU A 87 11.55 -13.94 0.07
C LEU A 87 11.81 -15.47 0.12
N GLN A 88 11.56 -16.16 -1.00
CA GLN A 88 11.85 -17.59 -1.12
C GLN A 88 13.33 -17.96 -0.87
N GLN A 89 14.27 -17.23 -1.50
CA GLN A 89 15.68 -17.39 -1.18
C GLN A 89 15.96 -17.19 0.35
N ALA A 90 15.37 -16.15 0.93
CA ALA A 90 15.56 -15.84 2.35
C ALA A 90 15.03 -16.94 3.29
N MET A 91 13.83 -17.44 3.02
CA MET A 91 13.29 -18.53 3.82
C MET A 91 14.12 -19.80 3.71
N CYS A 92 14.59 -20.09 2.50
CA CYS A 92 15.43 -21.24 2.25
C CYS A 92 16.79 -21.17 2.98
N GLU A 93 17.42 -20.00 2.97
CA GLU A 93 18.62 -19.91 3.77
C GLU A 93 18.38 -19.93 5.26
N LEU A 94 17.33 -19.29 5.73
CA LEU A 94 17.03 -19.27 7.18
C LEU A 94 16.60 -20.62 7.73
N GLU A 95 15.81 -21.38 6.98
CA GLU A 95 15.41 -22.70 7.45
C GLU A 95 16.19 -23.87 6.82
N GLY A 96 17.19 -23.59 6.00
CA GLY A 96 18.03 -24.66 5.44
C GLY A 96 17.25 -25.63 4.56
N GLY A 97 16.53 -25.09 3.57
CA GLY A 97 15.70 -25.90 2.69
C GLY A 97 16.07 -25.80 1.22
N ALA A 98 15.50 -26.71 0.44
CA ALA A 98 15.63 -26.69 -1.01
C ALA A 98 14.66 -25.71 -1.65
N GLY A 99 13.47 -25.51 -1.08
CA GLY A 99 12.52 -24.59 -1.69
C GLY A 99 11.57 -24.06 -0.64
N CYS A 100 10.85 -22.99 -0.99
CA CYS A 100 9.91 -22.34 -0.08
C CYS A 100 8.69 -22.08 -0.89
N VAL A 101 7.58 -22.69 -0.48
CA VAL A 101 6.31 -22.50 -1.13
C VAL A 101 5.50 -21.46 -0.34
N LEU A 102 4.85 -20.54 -1.06
CA LEU A 102 4.11 -19.43 -0.45
C LEU A 102 2.59 -19.57 -0.56
N PHE A 103 1.89 -19.07 0.47
CA PHE A 103 0.45 -19.24 0.57
C PHE A 103 -0.12 -17.96 1.15
N PRO A 104 -1.42 -17.72 0.93
CA PRO A 104 -2.06 -16.50 1.44
C PRO A 104 -2.17 -16.34 2.97
N CYS A 105 -2.07 -17.43 3.73
CA CYS A 105 -2.02 -17.36 5.18
C CYS A 105 -1.48 -18.70 5.71
N GLY A 106 -1.21 -18.77 7.01
CA GLY A 106 -0.74 -20.03 7.62
C GLY A 106 -1.73 -21.17 7.41
N ALA A 107 -3.02 -20.91 7.61
CA ALA A 107 -4.02 -21.99 7.48
C ALA A 107 -4.04 -22.54 6.05
N ALA A 108 -3.88 -21.67 5.07
CA ALA A 108 -3.68 -22.14 3.68
C ALA A 108 -2.43 -23.01 3.53
N ALA A 109 -1.34 -22.66 4.21
CA ALA A 109 -0.08 -23.44 4.01
C ALA A 109 -0.26 -24.84 4.63
N VAL A 110 -0.92 -24.89 5.78
CA VAL A 110 -1.17 -26.17 6.42
C VAL A 110 -2.12 -27.05 5.57
N ALA A 111 -3.32 -26.53 5.23
CA ALA A 111 -4.28 -27.34 4.47
C ALA A 111 -3.68 -27.84 3.17
N ASN A 112 -3.03 -26.93 2.45
CA ASN A 112 -2.46 -27.23 1.12
C ASN A 112 -1.18 -28.07 1.08
N SER A 113 -0.30 -27.85 2.07
CA SER A 113 0.83 -28.77 2.28
C SER A 113 0.36 -30.22 2.51
N ILE A 114 -0.60 -30.44 3.40
CA ILE A 114 -1.14 -31.78 3.57
C ILE A 114 -1.81 -32.35 2.29
N LEU A 115 -2.71 -31.58 1.70
CA LEU A 115 -3.36 -32.00 0.45
C LEU A 115 -2.37 -32.43 -0.60
N ALA A 116 -1.27 -31.70 -0.72
CA ALA A 116 -0.29 -31.91 -1.80
C ALA A 116 0.32 -33.32 -1.77
N PHE A 117 0.22 -33.99 -0.61
CA PHE A 117 0.87 -35.28 -0.42
C PHE A 117 -0.07 -36.46 -0.19
N ILE A 118 -1.37 -36.19 -0.11
CA ILE A 118 -2.26 -37.30 0.08
C ILE A 118 -2.98 -37.75 -1.20
N GLU A 119 -3.56 -38.93 -1.06
CA GLU A 119 -4.54 -39.44 -1.98
C GLU A 119 -5.55 -40.29 -1.21
N GLN A 120 -6.64 -40.61 -1.87
CA GLN A 120 -7.69 -41.42 -1.27
C GLN A 120 -7.07 -42.74 -0.78
N GLY A 121 -7.46 -43.13 0.43
CA GLY A 121 -6.95 -44.32 1.11
C GLY A 121 -5.76 -44.08 2.03
N ASP A 122 -5.21 -42.86 2.01
CA ASP A 122 -4.10 -42.49 2.92
C ASP A 122 -4.57 -42.28 4.35
N HIS A 123 -3.63 -42.30 5.30
CA HIS A 123 -3.93 -42.00 6.69
C HIS A 123 -3.08 -40.81 7.13
N VAL A 124 -3.64 -39.92 7.93
CA VAL A 124 -2.86 -38.80 8.47
C VAL A 124 -2.76 -38.94 9.97
N LEU A 125 -1.55 -38.77 10.50
CA LEU A 125 -1.34 -38.85 11.94
C LEU A 125 -0.89 -37.49 12.44
N MET A 126 -1.73 -36.87 13.25
CA MET A 126 -1.54 -35.46 13.64
C MET A 126 -1.53 -35.29 15.18
N THR A 127 -0.67 -34.44 15.72
CA THR A 127 -0.66 -34.21 17.17
C THR A 127 -2.03 -33.71 17.63
N ASN A 128 -2.54 -34.19 18.75
CA ASN A 128 -3.84 -33.69 19.19
C ASN A 128 -3.77 -32.26 19.70
N THR A 129 -2.54 -31.72 19.79
CA THR A 129 -2.32 -30.33 20.19
C THR A 129 -2.21 -29.36 19.01
N ALA A 130 -2.49 -29.86 17.81
CA ALA A 130 -2.45 -29.04 16.60
C ALA A 130 -3.46 -27.88 16.66
N TYR A 131 -3.09 -26.72 16.13
CA TYR A 131 -4.04 -25.62 15.90
C TYR A 131 -5.39 -26.16 15.37
N GLU A 132 -6.48 -25.75 16.01
CA GLU A 132 -7.82 -26.28 15.69
C GLU A 132 -8.21 -26.31 14.20
N PRO A 133 -8.00 -25.22 13.48
CA PRO A 133 -8.26 -25.26 12.02
C PRO A 133 -7.46 -26.33 11.28
N SER A 134 -6.27 -26.67 11.79
CA SER A 134 -5.48 -27.76 11.22
C SER A 134 -6.22 -29.06 11.41
N GLN A 135 -6.72 -29.30 12.64
CA GLN A 135 -7.54 -30.48 12.93
C GLN A 135 -8.82 -30.53 12.09
N ASP A 136 -9.54 -29.41 12.04
CA ASP A 136 -10.78 -29.28 11.28
C ASP A 136 -10.56 -29.57 9.78
N PHE A 137 -9.49 -29.04 9.22
CA PHE A 137 -9.20 -29.34 7.81
C PHE A 137 -9.19 -30.88 7.62
N CYS A 138 -8.53 -31.58 8.54
CA CYS A 138 -8.50 -33.06 8.46
C CYS A 138 -9.87 -33.72 8.62
N SER A 139 -10.59 -33.32 9.66
CA SER A 139 -11.84 -33.99 10.01
C SER A 139 -13.01 -33.65 9.07
N LYS A 140 -12.98 -32.44 8.50
CA LYS A 140 -14.07 -31.94 7.64
C LYS A 140 -13.77 -31.94 6.12
N ILE A 141 -12.51 -31.77 5.75
CA ILE A 141 -12.23 -31.77 4.34
C ILE A 141 -11.64 -33.12 3.92
N LEU A 142 -10.52 -33.54 4.52
CA LEU A 142 -9.89 -34.81 4.12
C LEU A 142 -10.84 -36.03 4.21
N SER A 143 -11.66 -36.07 5.25
CA SER A 143 -12.51 -37.24 5.51
C SER A 143 -13.48 -37.54 4.36
N LYS A 144 -13.92 -36.50 3.65
CA LYS A 144 -14.86 -36.75 2.57
C LYS A 144 -14.11 -37.08 1.28
N LEU A 145 -12.78 -37.08 1.37
CA LEU A 145 -11.95 -37.41 0.24
C LEU A 145 -11.32 -38.81 0.40
N GLY A 146 -11.83 -39.61 1.32
CA GLY A 146 -11.31 -40.95 1.56
C GLY A 146 -9.97 -40.99 2.27
N VAL A 147 -9.67 -39.93 3.02
CA VAL A 147 -8.42 -39.87 3.77
C VAL A 147 -8.79 -39.92 5.27
N THR A 148 -8.18 -40.82 6.04
CA THR A 148 -8.50 -40.88 7.47
C THR A 148 -7.42 -40.17 8.29
N THR A 149 -7.81 -39.66 9.45
CA THR A 149 -6.90 -38.99 10.34
C THR A 149 -7.09 -39.55 11.72
N SER A 150 -6.00 -39.76 12.42
CA SER A 150 -6.10 -40.01 13.85
C SER A 150 -5.00 -39.16 14.51
N TRP A 151 -4.97 -39.20 15.85
CA TRP A 151 -4.25 -38.19 16.63
C TRP A 151 -3.44 -38.81 17.75
N PHE A 152 -2.40 -38.09 18.17
CA PHE A 152 -1.51 -38.57 19.23
C PHE A 152 -1.22 -37.49 20.30
N ASP A 153 -0.91 -37.97 21.50
CA ASP A 153 -0.43 -37.13 22.58
C ASP A 153 0.95 -36.56 22.22
N PRO A 154 1.17 -35.24 22.47
CA PRO A 154 2.43 -34.62 22.02
C PRO A 154 3.73 -35.14 22.69
N LEU A 155 3.59 -35.73 23.87
CA LEU A 155 4.70 -36.28 24.64
C LEU A 155 4.94 -37.80 24.39
N ILE A 156 4.35 -38.32 23.31
CA ILE A 156 4.40 -39.77 22.99
C ILE A 156 5.81 -40.24 22.62
N GLY A 157 6.60 -39.36 22.00
CA GLY A 157 7.97 -39.71 21.60
C GLY A 157 8.03 -40.98 20.75
N ALA A 158 8.92 -41.90 21.12
CA ALA A 158 9.14 -43.13 20.36
C ALA A 158 7.94 -44.07 20.42
N ASP A 159 7.05 -43.87 21.38
CA ASP A 159 5.85 -44.71 21.42
C ASP A 159 4.82 -44.38 20.33
N ILE A 160 5.14 -43.43 19.48
CA ILE A 160 4.24 -43.06 18.37
C ILE A 160 4.06 -44.25 17.39
N VAL A 161 4.95 -45.24 17.46
CA VAL A 161 4.87 -46.43 16.58
C VAL A 161 3.51 -47.13 16.70
N LYS A 162 2.99 -47.15 17.93
CA LYS A 162 1.59 -47.53 18.27
C LYS A 162 0.57 -47.05 17.24
N HIS A 163 0.77 -45.83 16.75
CA HIS A 163 -0.29 -45.12 15.99
C HIS A 163 -0.04 -45.14 14.49
N LEU A 164 1.11 -45.68 14.08
CA LEU A 164 1.51 -45.69 12.69
C LEU A 164 0.86 -46.86 11.93
N GLN A 165 0.14 -46.56 10.85
CA GLN A 165 -0.51 -47.54 10.01
C GLN A 165 0.34 -47.76 8.75
N PRO A 166 0.19 -48.92 8.09
CA PRO A 166 0.95 -49.12 6.85
C PRO A 166 0.58 -48.05 5.80
N ASN A 167 -0.61 -47.45 5.90
CA ASN A 167 -1.00 -46.39 4.96
C ASN A 167 -0.78 -44.97 5.50
N THR A 168 0.05 -44.84 6.53
CA THR A 168 0.30 -43.50 7.07
C THR A 168 1.20 -42.75 6.12
N LYS A 169 0.64 -41.67 5.58
CA LYS A 169 1.31 -40.88 4.58
C LYS A 169 1.91 -39.61 5.17
N ILE A 170 1.23 -39.03 6.15
CA ILE A 170 1.67 -37.79 6.77
C ILE A 170 1.74 -37.99 8.26
N VAL A 171 2.82 -37.51 8.86
CA VAL A 171 2.89 -37.30 10.31
C VAL A 171 3.03 -35.80 10.59
N PHE A 172 2.07 -35.22 11.30
CA PHE A 172 2.00 -33.77 11.37
C PHE A 172 2.29 -33.30 12.78
N LEU A 173 3.41 -32.60 12.98
CA LEU A 173 3.79 -32.16 14.32
C LEU A 173 3.48 -30.67 14.53
N GLU A 174 3.41 -30.24 15.78
CA GLU A 174 3.34 -28.82 16.14
C GLU A 174 4.04 -28.72 17.50
N SER A 175 5.20 -28.07 17.54
CA SER A 175 5.98 -28.03 18.77
C SER A 175 6.51 -26.61 18.95
N PRO A 176 6.15 -25.93 20.07
CA PRO A 176 5.22 -26.32 21.12
C PRO A 176 3.82 -26.37 20.55
N GLY A 177 2.92 -27.06 21.26
CA GLY A 177 1.53 -27.20 20.82
C GLY A 177 0.68 -25.94 20.94
N SER A 178 -0.35 -25.86 20.12
CA SER A 178 -1.29 -24.75 20.25
C SER A 178 -1.90 -24.70 21.63
N ILE A 179 -1.84 -23.50 22.21
CA ILE A 179 -2.57 -23.22 23.48
C ILE A 179 -1.91 -23.77 24.75
N THR A 180 -1.76 -25.08 24.82
CA THR A 180 -1.20 -25.75 25.99
C THR A 180 0.32 -25.88 25.98
N MET A 181 0.92 -25.63 24.83
CA MET A 181 2.35 -25.37 24.74
C MET A 181 3.27 -26.60 24.99
N GLU A 182 2.75 -27.84 24.90
CA GLU A 182 3.59 -29.04 25.12
C GLU A 182 4.62 -29.14 24.01
N VAL A 183 5.88 -29.47 24.35
CA VAL A 183 6.95 -29.59 23.36
C VAL A 183 7.20 -31.06 23.02
N HIS A 184 7.18 -31.38 21.73
CA HIS A 184 7.50 -32.72 21.25
C HIS A 184 8.99 -33.11 21.51
N ASP A 185 9.25 -34.41 21.67
CA ASP A 185 10.59 -34.99 21.44
C ASP A 185 10.74 -35.35 19.96
N VAL A 186 11.15 -34.35 19.16
CA VAL A 186 11.16 -34.49 17.71
C VAL A 186 12.12 -35.61 17.24
N PRO A 187 13.37 -35.60 17.73
CA PRO A 187 14.30 -36.71 17.36
C PRO A 187 13.72 -38.11 17.60
N ALA A 188 13.04 -38.32 18.74
CA ALA A 188 12.48 -39.65 19.01
C ALA A 188 11.33 -39.99 18.07
N ILE A 189 10.49 -39.01 17.78
CA ILE A 189 9.36 -39.23 16.87
C ILE A 189 9.83 -39.52 15.46
N VAL A 190 10.75 -38.70 14.96
CA VAL A 190 11.33 -38.84 13.61
C VAL A 190 11.98 -40.22 13.44
N ALA A 191 12.75 -40.65 14.45
CA ALA A 191 13.42 -41.95 14.32
C ALA A 191 12.38 -43.07 14.22
N ALA A 192 11.32 -42.97 15.02
CA ALA A 192 10.30 -43.99 15.03
C ALA A 192 9.61 -44.01 13.68
N VAL A 193 9.10 -42.85 13.23
CA VAL A 193 8.47 -42.76 11.91
C VAL A 193 9.33 -43.37 10.80
N ARG A 194 10.60 -42.95 10.68
CA ARG A 194 11.47 -43.49 9.62
C ARG A 194 11.63 -45.00 9.70
N SER A 195 11.61 -45.56 10.90
CA SER A 195 11.85 -46.99 11.04
C SER A 195 10.65 -47.81 10.60
N VAL A 196 9.46 -47.21 10.60
CA VAL A 196 8.22 -47.96 10.36
C VAL A 196 7.57 -47.58 9.05
N VAL A 197 7.43 -46.27 8.80
CA VAL A 197 6.89 -45.80 7.53
C VAL A 197 7.85 -44.83 6.86
N PRO A 198 8.93 -45.36 6.24
CA PRO A 198 9.92 -44.45 5.68
C PRO A 198 9.33 -43.53 4.57
N ASP A 199 8.27 -43.96 3.89
CA ASP A 199 7.66 -43.13 2.84
C ASP A 199 6.83 -41.94 3.37
N ALA A 200 6.55 -41.90 4.68
CA ALA A 200 5.77 -40.83 5.24
C ALA A 200 6.44 -39.45 5.10
N ILE A 201 5.61 -38.43 4.93
CA ILE A 201 6.09 -37.06 4.93
C ILE A 201 5.89 -36.52 6.34
N ILE A 202 6.97 -36.08 6.98
CA ILE A 202 6.85 -35.51 8.32
C ILE A 202 6.84 -33.99 8.17
N MET A 203 5.81 -33.37 8.75
CA MET A 203 5.56 -31.94 8.61
C MET A 203 5.50 -31.35 9.99
N ILE A 204 5.86 -30.08 10.12
CA ILE A 204 5.68 -29.41 11.40
C ILE A 204 5.11 -28.01 11.19
N ASP A 205 4.15 -27.62 12.03
CA ASP A 205 3.81 -26.22 12.14
C ASP A 205 4.79 -25.57 13.12
N ASN A 206 5.76 -24.87 12.56
CA ASN A 206 6.91 -24.36 13.30
C ASN A 206 6.81 -22.85 13.51
N THR A 207 5.57 -22.34 13.63
CA THR A 207 5.34 -20.91 13.69
C THR A 207 5.86 -20.31 15.02
N TRP A 208 5.61 -21.01 16.14
CA TRP A 208 6.01 -20.49 17.45
C TRP A 208 7.51 -20.18 17.47
N ALA A 209 8.29 -21.04 16.82
CA ALA A 209 9.72 -20.86 16.71
C ALA A 209 10.20 -19.86 15.61
N ALA A 210 9.25 -19.31 14.87
CA ALA A 210 9.50 -18.39 13.74
C ALA A 210 10.43 -19.08 12.74
N GLY A 211 10.37 -20.40 12.70
CA GLY A 211 11.28 -21.19 11.86
C GLY A 211 12.74 -21.18 12.28
N VAL A 212 13.21 -20.20 13.04
CA VAL A 212 14.65 -20.09 13.30
C VAL A 212 15.07 -20.53 14.69
N LEU A 213 14.15 -20.54 15.67
CA LEU A 213 14.53 -21.06 17.00
C LEU A 213 14.54 -22.60 17.05
N PHE A 214 14.01 -23.25 16.03
CA PHE A 214 14.02 -24.71 15.95
C PHE A 214 14.22 -25.10 14.50
N LYS A 215 15.41 -25.63 14.21
CA LYS A 215 15.80 -25.88 12.82
C LYS A 215 15.26 -27.22 12.32
N ALA A 216 13.94 -27.25 12.11
CA ALA A 216 13.14 -28.46 11.88
C ALA A 216 13.77 -29.38 10.82
N LEU A 217 14.18 -28.79 9.72
CA LEU A 217 14.77 -29.64 8.61
C LEU A 217 16.07 -30.32 9.01
N ASP A 218 16.76 -29.76 9.99
CA ASP A 218 17.99 -30.39 10.50
C ASP A 218 17.65 -31.57 11.38
N PHE A 219 16.40 -31.68 11.82
CA PHE A 219 15.99 -32.82 12.67
C PHE A 219 15.39 -33.96 11.85
N GLY A 220 15.46 -33.88 10.52
CA GLY A 220 14.86 -34.91 9.68
C GLY A 220 13.38 -34.71 9.34
N ILE A 221 12.84 -33.53 9.61
CA ILE A 221 11.43 -33.19 9.23
C ILE A 221 11.47 -32.80 7.77
N ASP A 222 10.44 -33.19 7.01
CA ASP A 222 10.42 -32.88 5.57
C ASP A 222 9.97 -31.47 5.23
N VAL A 223 8.97 -30.93 5.94
CA VAL A 223 8.40 -29.66 5.55
C VAL A 223 8.20 -28.86 6.84
N SER A 224 8.74 -27.66 6.88
CA SER A 224 8.56 -26.75 7.99
C SER A 224 7.58 -25.65 7.56
N ILE A 225 6.40 -25.63 8.18
CA ILE A 225 5.33 -24.68 7.83
C ILE A 225 5.24 -23.54 8.88
N GLN A 226 4.97 -22.32 8.40
CA GLN A 226 4.77 -21.18 9.27
C GLN A 226 3.55 -20.37 8.83
N ALA A 227 2.76 -19.95 9.84
CA ALA A 227 1.96 -18.78 9.67
C ALA A 227 2.92 -17.60 9.78
N ALA A 228 3.46 -17.17 8.64
CA ALA A 228 4.37 -16.02 8.59
C ALA A 228 3.70 -14.75 9.06
N THR A 229 2.38 -14.76 8.96
CA THR A 229 1.53 -13.83 9.72
C THR A 229 1.99 -13.45 11.13
N LYS A 230 2.57 -14.40 11.86
CA LYS A 230 3.03 -14.26 13.24
C LYS A 230 4.33 -13.49 13.34
N TYR A 231 5.42 -14.13 13.81
CA TYR A 231 6.66 -13.41 14.05
C TYR A 231 7.41 -12.91 12.83
N LEU A 232 7.30 -13.59 11.69
CA LEU A 232 8.01 -13.14 10.50
C LEU A 232 7.57 -11.72 10.09
N VAL A 233 6.27 -11.50 9.83
CA VAL A 233 5.68 -10.17 9.65
C VAL A 233 5.91 -9.28 10.90
N GLY A 234 5.44 -9.73 12.08
CA GLY A 234 5.84 -9.18 13.39
C GLY A 234 5.02 -7.97 13.84
N HIS A 235 4.03 -7.58 13.01
CA HIS A 235 3.28 -6.37 13.26
C HIS A 235 1.76 -6.50 13.11
N SER A 236 1.27 -7.72 12.98
CA SER A 236 -0.18 -7.99 12.95
C SER A 236 -0.96 -7.35 11.80
N ASP A 237 -0.36 -7.14 10.64
CA ASP A 237 -1.02 -6.43 9.51
C ASP A 237 -0.81 -7.04 8.11
N ALA A 238 -0.14 -8.18 8.04
CA ALA A 238 -0.05 -8.93 6.77
C ALA A 238 -0.26 -10.41 7.05
N MET A 239 -0.90 -11.11 6.12
CA MET A 239 -1.17 -12.55 6.32
C MET A 239 -0.45 -13.27 5.19
N ILE A 240 0.16 -14.41 5.55
CA ILE A 240 1.00 -15.17 4.62
C ILE A 240 1.37 -16.49 5.30
N GLY A 241 1.45 -17.57 4.51
CA GLY A 241 1.95 -18.85 5.01
C GLY A 241 3.17 -19.18 4.18
N THR A 242 4.10 -19.93 4.80
CA THR A 242 5.28 -20.43 4.10
C THR A 242 5.44 -21.93 4.39
N ALA A 243 6.04 -22.66 3.45
CA ALA A 243 6.30 -24.06 3.70
C ALA A 243 7.70 -24.29 3.14
N VAL A 244 8.70 -24.41 4.01
CA VAL A 244 10.09 -24.67 3.55
C VAL A 244 10.32 -26.19 3.51
N CYS A 245 10.71 -26.69 2.35
CA CYS A 245 10.78 -28.13 2.08
C CYS A 245 12.21 -28.56 1.88
N ASN A 246 12.53 -29.80 2.27
CA ASN A 246 13.77 -30.42 1.80
C ASN A 246 13.70 -30.76 0.30
N ALA A 247 14.80 -31.25 -0.27
CA ALA A 247 14.83 -31.61 -1.66
C ALA A 247 13.91 -32.80 -2.01
N ARG A 248 13.78 -33.76 -1.10
CA ARG A 248 12.86 -34.90 -1.28
C ARG A 248 11.42 -34.45 -1.61
N CYS A 249 10.94 -33.38 -0.96
CA CYS A 249 9.51 -33.06 -1.01
C CYS A 249 9.15 -31.77 -1.76
N TRP A 250 10.15 -30.94 -2.04
CA TRP A 250 9.89 -29.62 -2.59
C TRP A 250 9.03 -29.62 -3.87
N GLU A 251 9.43 -30.42 -4.85
CA GLU A 251 8.76 -30.40 -6.15
C GLU A 251 7.27 -30.73 -6.04
N GLN A 252 6.95 -31.78 -5.27
CA GLN A 252 5.57 -32.21 -5.12
C GLN A 252 4.76 -31.14 -4.46
N LEU A 253 5.26 -30.60 -3.35
CA LEU A 253 4.48 -29.59 -2.62
C LEU A 253 4.28 -28.36 -3.52
N ARG A 254 5.37 -27.95 -4.16
CA ARG A 254 5.38 -26.77 -5.03
C ARG A 254 4.40 -26.92 -6.18
N GLU A 255 4.54 -27.99 -6.96
CA GLU A 255 3.63 -28.21 -8.09
C GLU A 255 2.16 -28.47 -7.71
N ASN A 256 1.92 -29.21 -6.64
CA ASN A 256 0.54 -29.47 -6.21
C ASN A 256 -0.14 -28.26 -5.59
N ALA A 257 0.61 -27.50 -4.82
CA ALA A 257 0.14 -26.21 -4.35
C ALA A 257 -0.18 -25.27 -5.51
N TYR A 258 0.65 -25.28 -6.55
CA TYR A 258 0.39 -24.44 -7.72
C TYR A 258 -0.95 -24.81 -8.42
N LEU A 259 -1.24 -26.11 -8.49
CA LEU A 259 -2.49 -26.59 -9.13
C LEU A 259 -3.71 -26.13 -8.35
N MET A 260 -3.47 -25.82 -7.08
CA MET A 260 -4.51 -25.23 -6.20
C MET A 260 -4.49 -23.69 -6.26
N GLY A 261 -3.61 -23.14 -7.11
CA GLY A 261 -3.52 -21.68 -7.30
C GLY A 261 -2.96 -20.89 -6.12
N GLN A 262 -2.16 -21.55 -5.27
CA GLN A 262 -1.65 -20.91 -4.07
C GLN A 262 -0.49 -20.00 -4.34
N MET A 263 -0.62 -18.79 -3.82
CA MET A 263 0.38 -17.76 -3.95
C MET A 263 0.05 -16.71 -2.92
N VAL A 264 0.95 -15.74 -2.81
CA VAL A 264 0.72 -14.59 -1.94
C VAL A 264 1.11 -13.36 -2.77
N ASP A 265 0.56 -12.22 -2.43
CA ASP A 265 0.81 -11.02 -3.24
C ASP A 265 2.21 -10.48 -3.03
N ALA A 266 2.74 -9.77 -4.03
CA ALA A 266 4.10 -9.24 -4.00
C ALA A 266 4.36 -8.32 -2.79
N ASP A 267 3.40 -7.45 -2.44
CA ASP A 267 3.65 -6.51 -1.36
C ASP A 267 3.77 -7.20 0.02
N THR A 268 2.92 -8.20 0.27
CA THR A 268 3.02 -9.06 1.46
C THR A 268 4.33 -9.82 1.51
N ALA A 269 4.76 -10.35 0.38
CA ALA A 269 6.12 -10.91 0.30
C ALA A 269 7.20 -9.89 0.73
N TYR A 270 7.15 -8.69 0.15
CA TYR A 270 8.03 -7.61 0.59
C TYR A 270 8.00 -7.37 2.11
N ILE A 271 6.81 -7.20 2.69
CA ILE A 271 6.69 -6.91 4.08
C ILE A 271 7.20 -8.06 4.95
N THR A 272 7.09 -9.31 4.44
CA THR A 272 7.54 -10.46 5.23
C THR A 272 9.09 -10.45 5.24
N SER A 273 9.70 -10.29 4.07
CA SER A 273 11.18 -10.09 4.00
C SER A 273 11.65 -8.99 4.97
N ARG A 274 11.02 -7.82 4.89
CA ARG A 274 11.23 -6.71 5.84
C ARG A 274 11.14 -7.07 7.34
N GLY A 275 10.15 -7.90 7.70
CA GLY A 275 10.01 -8.41 9.07
C GLY A 275 11.25 -9.17 9.59
N LEU A 276 11.84 -9.96 8.70
CA LEU A 276 12.99 -10.76 9.03
C LEU A 276 14.07 -9.89 9.64
N ARG A 277 14.17 -8.66 9.11
CA ARG A 277 15.29 -7.76 9.47
C ARG A 277 15.33 -7.45 10.96
N THR A 278 14.17 -7.43 11.62
CA THR A 278 14.13 -7.13 13.07
C THR A 278 13.78 -8.37 13.89
N LEU A 279 13.68 -9.51 13.21
CA LEU A 279 13.25 -10.74 13.86
C LEU A 279 14.13 -11.10 15.08
N GLY A 280 15.44 -10.87 15.00
CA GLY A 280 16.38 -11.22 16.07
C GLY A 280 16.18 -10.35 17.27
N VAL A 281 16.14 -9.03 17.06
CA VAL A 281 15.99 -8.10 18.19
C VAL A 281 14.60 -8.28 18.80
N ARG A 282 13.60 -8.55 17.96
CA ARG A 282 12.27 -8.85 18.46
C ARG A 282 12.24 -10.13 19.32
N LEU A 283 12.60 -11.28 18.73
CA LEU A 283 12.50 -12.55 19.45
C LEU A 283 13.24 -12.48 20.79
N ARG A 284 14.40 -11.79 20.84
CA ARG A 284 15.15 -11.72 22.11
C ARG A 284 14.35 -11.00 23.19
N GLN A 285 13.67 -9.93 22.82
CA GLN A 285 12.82 -9.24 23.76
C GLN A 285 11.58 -10.07 24.17
N HIS A 286 10.95 -10.75 23.20
CA HIS A 286 9.80 -11.61 23.53
C HIS A 286 10.25 -12.73 24.50
N HIS A 287 11.42 -13.32 24.26
CA HIS A 287 12.00 -14.33 25.14
C HIS A 287 12.20 -13.79 26.57
N GLU A 288 12.94 -12.70 26.68
CA GLU A 288 13.33 -12.16 27.98
C GLU A 288 12.08 -11.78 28.78
N SER A 289 11.18 -11.03 28.15
CA SER A 289 9.94 -10.58 28.81
C SER A 289 8.99 -11.71 29.19
N SER A 290 8.72 -12.65 28.26
CA SER A 290 7.76 -13.72 28.52
C SER A 290 8.22 -14.62 29.64
N LEU A 291 9.52 -14.87 29.69
CA LEU A 291 10.04 -15.76 30.71
C LEU A 291 9.94 -15.10 32.08
N LYS A 292 10.19 -13.79 32.17
CA LYS A 292 10.06 -13.06 33.42
C LYS A 292 8.61 -13.11 33.91
N VAL A 293 7.65 -12.85 33.02
CA VAL A 293 6.21 -12.98 33.36
C VAL A 293 5.90 -14.39 33.83
N ALA A 294 6.36 -15.39 33.07
CA ALA A 294 6.11 -16.79 33.40
C ALA A 294 6.62 -17.15 34.81
N GLU A 295 7.81 -16.66 35.13
CA GLU A 295 8.44 -16.97 36.40
C GLU A 295 7.66 -16.38 37.58
N TRP A 296 7.23 -15.14 37.41
CA TRP A 296 6.36 -14.43 38.34
C TRP A 296 5.00 -15.15 38.49
N LEU A 297 4.37 -15.53 37.39
CA LEU A 297 3.09 -16.25 37.44
C LEU A 297 3.19 -17.59 38.16
N ALA A 298 4.30 -18.29 37.98
CA ALA A 298 4.49 -19.63 38.55
C ALA A 298 4.50 -19.60 40.10
N GLU A 299 4.80 -18.42 40.62
CA GLU A 299 4.99 -18.20 42.03
C GLU A 299 3.71 -17.51 42.59
N HIS A 300 2.76 -17.19 41.73
CA HIS A 300 1.56 -16.44 42.14
C HIS A 300 0.50 -17.31 42.84
N PRO A 301 0.00 -16.86 44.00
CA PRO A 301 -1.01 -17.64 44.74
C PRO A 301 -2.30 -18.00 43.96
N GLN A 302 -2.66 -17.21 42.95
CA GLN A 302 -3.90 -17.41 42.18
C GLN A 302 -3.71 -18.27 40.92
N VAL A 303 -2.49 -18.77 40.75
CA VAL A 303 -2.10 -19.49 39.54
C VAL A 303 -1.81 -20.97 39.87
N ALA A 304 -2.43 -21.89 39.11
CA ALA A 304 -2.26 -23.34 39.30
C ALA A 304 -0.97 -23.86 38.66
N ARG A 305 -0.76 -23.45 37.40
CA ARG A 305 0.36 -23.94 36.55
C ARG A 305 0.65 -22.93 35.45
N VAL A 306 1.91 -22.94 34.98
CA VAL A 306 2.32 -22.13 33.84
C VAL A 306 2.89 -23.04 32.75
N ASN A 307 2.43 -22.83 31.51
CA ASN A 307 2.82 -23.61 30.33
C ASN A 307 3.71 -22.72 29.49
N HIS A 308 5.00 -22.72 29.80
CA HIS A 308 5.98 -21.98 29.01
C HIS A 308 7.19 -22.86 28.68
N PRO A 309 7.38 -23.17 27.40
CA PRO A 309 8.46 -24.08 26.97
C PRO A 309 9.82 -23.80 27.65
N ALA A 310 10.11 -22.53 27.94
CA ALA A 310 11.41 -22.14 28.54
C ALA A 310 11.48 -22.28 30.04
N LEU A 311 10.34 -22.52 30.66
CA LEU A 311 10.30 -22.61 32.10
C LEU A 311 10.51 -24.03 32.56
N PRO A 312 11.53 -24.24 33.41
CA PRO A 312 11.76 -25.57 34.03
C PRO A 312 10.46 -26.18 34.59
N GLY A 313 10.18 -27.44 34.29
CA GLY A 313 8.95 -28.07 34.75
C GLY A 313 7.78 -28.06 33.76
N SER A 314 7.82 -27.17 32.77
CA SER A 314 6.80 -27.18 31.72
C SER A 314 6.90 -28.45 30.83
N LYS A 315 5.76 -28.87 30.28
CA LYS A 315 5.68 -30.14 29.56
C LYS A 315 6.56 -30.07 28.34
N GLY A 316 7.59 -30.93 28.32
CA GLY A 316 8.57 -30.95 27.23
C GLY A 316 9.68 -29.93 27.33
N HIS A 317 9.81 -29.25 28.49
CA HIS A 317 10.87 -28.25 28.63
C HIS A 317 12.27 -28.82 28.36
N GLU A 318 12.46 -30.08 28.76
CA GLU A 318 13.74 -30.76 28.48
C GLU A 318 14.08 -30.80 26.99
N PHE A 319 13.06 -31.02 26.16
CA PHE A 319 13.23 -31.02 24.69
C PHE A 319 13.44 -29.61 24.14
N TRP A 320 12.71 -28.61 24.68
CA TRP A 320 12.95 -27.21 24.33
C TRP A 320 14.43 -26.83 24.59
N LYS A 321 14.91 -27.15 25.78
CA LYS A 321 16.27 -26.79 26.22
C LYS A 321 17.33 -27.46 25.33
N ARG A 322 17.06 -28.69 24.90
CA ARG A 322 17.97 -29.46 24.06
C ARG A 322 17.95 -29.05 22.57
N ASP A 323 16.75 -28.84 22.03
CA ASP A 323 16.57 -28.72 20.57
C ASP A 323 16.35 -27.29 20.06
N PHE A 324 16.03 -26.36 20.94
CA PHE A 324 15.75 -24.99 20.50
C PHE A 324 16.95 -24.06 20.85
N THR A 325 17.08 -22.97 20.11
CA THR A 325 18.11 -21.97 20.39
C THR A 325 17.53 -20.69 21.00
N GLY A 326 16.24 -20.73 21.30
CA GLY A 326 15.62 -19.57 21.89
C GLY A 326 14.14 -19.84 22.15
N SER A 327 13.48 -18.81 22.65
CA SER A 327 12.05 -18.85 22.93
C SER A 327 11.38 -17.63 22.27
N SER A 328 10.09 -17.74 21.96
CA SER A 328 9.33 -16.55 21.58
C SER A 328 8.49 -16.09 22.78
N GLY A 329 7.39 -15.37 22.54
CA GLY A 329 6.66 -14.70 23.64
C GLY A 329 5.27 -15.19 23.92
N LEU A 330 4.88 -16.27 23.23
CA LEU A 330 3.56 -16.86 23.42
C LEU A 330 3.58 -18.02 24.44
N PHE A 331 2.73 -17.97 25.46
CA PHE A 331 2.64 -19.10 26.39
C PHE A 331 1.27 -19.06 27.07
N SER A 332 1.01 -19.93 28.04
CA SER A 332 -0.26 -19.90 28.75
C SER A 332 -0.11 -20.30 30.21
N PHE A 333 -1.15 -20.06 31.01
CA PHE A 333 -1.13 -20.51 32.39
C PHE A 333 -2.56 -20.85 32.77
N VAL A 334 -2.67 -21.64 33.83
CA VAL A 334 -3.97 -22.09 34.39
C VAL A 334 -4.24 -21.41 35.73
N LEU A 335 -5.40 -20.73 35.80
CA LEU A 335 -5.87 -20.13 37.04
C LEU A 335 -6.26 -21.25 37.98
N LYS A 336 -6.15 -20.99 39.30
CA LYS A 336 -6.58 -21.95 40.30
C LYS A 336 -8.08 -22.13 40.19
N LYS A 337 -8.81 -21.05 39.98
CA LYS A 337 -10.22 -21.23 39.69
C LYS A 337 -10.62 -21.32 38.21
N LYS A 338 -11.79 -21.93 38.02
CA LYS A 338 -12.54 -21.93 36.77
C LYS A 338 -13.48 -20.73 36.87
N LEU A 339 -13.21 -19.70 36.07
CA LEU A 339 -13.96 -18.47 36.20
C LEU A 339 -15.36 -18.69 35.65
N ASN A 340 -16.36 -18.08 36.28
CA ASN A 340 -17.69 -18.11 35.70
C ASN A 340 -17.76 -16.92 34.77
N ASN A 341 -18.88 -16.74 34.09
CA ASN A 341 -18.97 -15.72 33.02
C ASN A 341 -18.86 -14.27 33.51
N GLU A 342 -19.39 -14.02 34.72
CA GLU A 342 -19.25 -12.69 35.31
C GLU A 342 -17.78 -12.40 35.62
N GLU A 343 -17.11 -13.36 36.25
CA GLU A 343 -15.67 -13.24 36.55
C GLU A 343 -14.82 -13.11 35.32
N LEU A 344 -15.08 -13.95 34.32
CA LEU A 344 -14.42 -13.85 33.02
C LEU A 344 -14.47 -12.45 32.45
N ALA A 345 -15.66 -11.84 32.48
CA ALA A 345 -15.85 -10.50 31.94
C ALA A 345 -15.10 -9.46 32.79
N ASN A 346 -15.23 -9.58 34.11
CA ASN A 346 -14.55 -8.65 35.02
C ASN A 346 -13.02 -8.71 34.82
N TYR A 347 -12.50 -9.92 34.62
CA TYR A 347 -11.07 -10.13 34.40
C TYR A 347 -10.65 -9.55 33.02
N LEU A 348 -11.23 -10.08 31.97
CA LEU A 348 -10.83 -9.73 30.60
C LEU A 348 -11.23 -8.34 30.08
N ASP A 349 -12.42 -7.84 30.44
CA ASP A 349 -12.84 -6.52 29.96
C ASP A 349 -12.04 -5.34 30.52
N ASN A 350 -11.33 -5.54 31.63
CA ASN A 350 -10.74 -4.42 32.31
C ASN A 350 -9.23 -4.22 32.26
N PHE A 351 -8.57 -4.93 31.33
CA PHE A 351 -7.12 -4.78 31.11
C PHE A 351 -6.79 -3.44 30.43
N SER A 352 -5.64 -2.88 30.77
CA SER A 352 -5.21 -1.57 30.22
C SER A 352 -4.24 -1.71 29.06
N LEU A 353 -3.54 -2.83 29.01
CA LEU A 353 -2.44 -2.99 28.06
C LEU A 353 -2.61 -4.22 27.20
N PHE A 354 -3.03 -5.33 27.81
CA PHE A 354 -3.34 -6.55 27.06
C PHE A 354 -4.67 -6.34 26.35
N SER A 355 -4.75 -6.71 25.08
CA SER A 355 -5.99 -6.66 24.29
C SER A 355 -6.46 -8.08 23.97
N MET A 356 -7.76 -8.24 23.81
CA MET A 356 -8.32 -9.50 23.31
C MET A 356 -8.31 -9.56 21.77
N ALA A 357 -7.70 -10.59 21.20
CA ALA A 357 -7.68 -10.85 19.76
C ALA A 357 -7.07 -12.22 19.44
N TYR A 358 -7.34 -12.73 18.25
CA TYR A 358 -6.75 -13.97 17.78
C TYR A 358 -5.44 -13.61 17.11
N SER A 359 -4.64 -14.62 16.76
CA SER A 359 -3.27 -14.42 16.26
C SER A 359 -2.37 -13.93 17.40
N TRP A 360 -1.11 -13.66 17.09
CA TRP A 360 -0.06 -13.37 18.06
C TRP A 360 1.18 -13.14 17.22
N GLY A 361 2.31 -12.89 17.87
CA GLY A 361 3.59 -12.66 17.21
C GLY A 361 3.83 -11.25 16.71
N GLY A 362 2.98 -10.31 17.14
CA GLY A 362 3.16 -8.88 16.87
C GLY A 362 3.87 -8.15 18.02
N TYR A 363 3.80 -6.82 18.00
CA TYR A 363 4.62 -6.03 18.92
C TYR A 363 3.83 -5.80 20.18
N GLU A 364 2.54 -6.09 20.12
CA GLU A 364 1.68 -5.81 21.25
C GLU A 364 1.31 -7.09 21.99
N SER A 365 0.86 -6.95 23.23
CA SER A 365 0.58 -8.10 24.07
C SER A 365 -0.91 -8.42 24.01
N LEU A 366 -1.25 -9.70 24.01
CA LEU A 366 -2.62 -10.17 23.83
C LEU A 366 -2.99 -11.16 24.91
N ILE A 367 -4.30 -11.29 25.17
CA ILE A 367 -4.81 -12.25 26.12
C ILE A 367 -6.07 -12.91 25.58
N LEU A 368 -6.21 -14.20 25.84
CA LEU A 368 -7.38 -14.97 25.46
C LEU A 368 -7.62 -15.98 26.55
N ALA A 369 -8.88 -16.33 26.78
CA ALA A 369 -9.16 -17.36 27.73
C ALA A 369 -9.78 -18.56 27.02
N ASN A 370 -9.51 -19.73 27.57
CA ASN A 370 -10.15 -20.96 27.18
C ASN A 370 -10.56 -21.73 28.43
N GLN A 371 -11.83 -22.11 28.49
CA GLN A 371 -12.30 -22.99 29.57
C GLN A 371 -11.91 -24.43 29.29
N PRO A 372 -11.71 -25.22 30.35
CA PRO A 372 -11.25 -26.61 30.17
C PRO A 372 -12.13 -27.41 29.20
N GLU A 373 -13.46 -27.20 29.26
CA GLU A 373 -14.41 -27.83 28.31
C GLU A 373 -14.08 -27.55 26.87
N HIS A 374 -13.78 -26.28 26.55
CA HIS A 374 -13.37 -25.83 25.21
C HIS A 374 -12.16 -26.66 24.79
N ILE A 375 -11.14 -26.74 25.66
CA ILE A 375 -9.91 -27.47 25.32
C ILE A 375 -10.18 -28.97 25.15
N ALA A 376 -10.97 -29.55 26.06
CA ALA A 376 -11.31 -30.97 25.96
C ALA A 376 -11.92 -31.35 24.57
N ALA A 377 -12.54 -30.40 23.89
CA ALA A 377 -13.25 -30.69 22.65
C ALA A 377 -12.32 -30.65 21.47
N ILE A 378 -11.12 -30.10 21.68
CA ILE A 378 -10.09 -30.03 20.61
C ILE A 378 -8.80 -30.80 21.00
N ARG A 379 -8.95 -31.84 21.82
CA ARG A 379 -7.81 -32.74 22.08
C ARG A 379 -8.25 -34.15 21.73
N PRO A 380 -8.44 -34.43 20.41
CA PRO A 380 -8.93 -35.77 20.02
C PRO A 380 -8.02 -36.88 20.52
N GLN A 381 -8.63 -37.93 21.07
CA GLN A 381 -7.91 -39.07 21.61
C GLN A 381 -7.01 -38.70 22.75
N GLY A 382 -7.20 -37.52 23.31
CA GLY A 382 -6.46 -37.09 24.48
C GLY A 382 -7.39 -36.84 25.63
N GLU A 383 -6.79 -36.55 26.79
CA GLU A 383 -7.49 -36.20 28.00
C GLU A 383 -6.85 -34.93 28.60
N ILE A 384 -7.65 -33.89 28.87
CA ILE A 384 -7.16 -32.64 29.51
C ILE A 384 -6.68 -32.96 30.94
N ASP A 385 -5.74 -32.19 31.48
CA ASP A 385 -5.33 -32.49 32.87
C ASP A 385 -5.32 -31.29 33.81
N PHE A 386 -6.16 -30.32 33.51
CA PHE A 386 -6.30 -29.13 34.36
C PHE A 386 -7.79 -28.87 34.53
N SER A 387 -8.15 -28.11 35.58
CA SER A 387 -9.57 -27.76 35.75
C SER A 387 -9.89 -26.26 35.88
N GLY A 388 -8.88 -25.41 35.98
CA GLY A 388 -9.08 -23.98 36.02
C GLY A 388 -9.13 -23.34 34.63
N THR A 389 -9.46 -22.04 34.59
CA THR A 389 -9.55 -21.37 33.31
C THR A 389 -8.15 -21.23 32.74
N LEU A 390 -7.96 -21.53 31.46
CA LEU A 390 -6.63 -21.38 30.87
C LEU A 390 -6.52 -20.01 30.19
N ILE A 391 -5.42 -19.31 30.48
CA ILE A 391 -5.21 -17.96 29.96
C ILE A 391 -4.02 -18.03 29.02
N ARG A 392 -4.22 -17.68 27.74
CA ARG A 392 -3.08 -17.64 26.84
C ARG A 392 -2.62 -16.20 26.71
N LEU A 393 -1.32 -15.98 26.89
CA LEU A 393 -0.72 -14.67 26.73
C LEU A 393 0.24 -14.61 25.57
N HIS A 394 0.16 -13.53 24.79
CA HIS A 394 1.26 -13.14 23.94
C HIS A 394 1.92 -11.92 24.55
N ILE A 395 3.17 -12.08 24.92
CA ILE A 395 3.94 -11.01 25.50
C ILE A 395 4.64 -10.23 24.35
N GLY A 396 4.24 -8.98 24.18
CA GLY A 396 4.74 -8.13 23.07
C GLY A 396 5.99 -7.39 23.51
N LEU A 397 6.18 -6.20 22.96
CA LEU A 397 7.34 -5.38 23.22
C LEU A 397 7.23 -4.27 24.26
N GLU A 398 6.07 -4.19 24.94
CA GLU A 398 5.86 -3.24 26.01
C GLU A 398 6.80 -3.46 27.16
N ASP A 399 6.94 -2.47 28.04
CA ASP A 399 7.79 -2.69 29.21
C ASP A 399 7.26 -3.87 30.02
N VAL A 400 8.12 -4.84 30.33
CA VAL A 400 7.63 -6.07 31.04
C VAL A 400 7.00 -5.78 32.42
N ASP A 401 7.51 -4.79 33.12
CA ASP A 401 6.93 -4.45 34.45
C ASP A 401 5.54 -3.80 34.31
N ASP A 402 5.33 -3.05 33.22
CA ASP A 402 3.98 -2.52 32.93
C ASP A 402 2.98 -3.66 32.72
N LEU A 403 3.44 -4.69 32.01
CA LEU A 403 2.64 -5.84 31.68
C LEU A 403 2.35 -6.65 32.97
N ILE A 404 3.38 -6.88 33.78
CA ILE A 404 3.15 -7.56 35.08
C ILE A 404 2.17 -6.77 35.93
N ALA A 405 2.37 -5.45 36.01
CA ALA A 405 1.38 -4.60 36.69
C ALA A 405 -0.06 -4.78 36.18
N ASP A 406 -0.24 -4.96 34.87
CA ASP A 406 -1.59 -5.10 34.29
C ASP A 406 -2.22 -6.45 34.70
N LEU A 407 -1.39 -7.50 34.68
CA LEU A 407 -1.82 -8.82 35.14
C LEU A 407 -2.11 -8.84 36.63
N ASP A 408 -1.26 -8.17 37.42
CA ASP A 408 -1.46 -8.03 38.87
C ASP A 408 -2.83 -7.41 39.16
N ALA A 409 -3.17 -6.35 38.42
CA ALA A 409 -4.50 -5.72 38.60
C ALA A 409 -5.64 -6.65 38.20
N GLY A 410 -5.40 -7.45 37.15
CA GLY A 410 -6.38 -8.46 36.74
C GLY A 410 -6.59 -9.50 37.81
N PHE A 411 -5.53 -9.89 38.52
CA PHE A 411 -5.68 -10.87 39.62
C PHE A 411 -6.56 -10.31 40.73
N ALA A 412 -6.37 -9.05 41.08
CA ALA A 412 -7.22 -8.40 42.05
C ALA A 412 -8.71 -8.46 41.68
N ARG A 413 -9.04 -8.44 40.39
CA ARG A 413 -10.45 -8.44 39.95
C ARG A 413 -11.15 -9.80 40.17
N ILE A 414 -10.38 -10.86 40.41
CA ILE A 414 -10.95 -12.22 40.46
C ILE A 414 -10.62 -13.00 41.75
N VAL A 415 -10.04 -12.34 42.75
CA VAL A 415 -9.67 -13.03 44.01
C VAL A 415 -10.94 -13.45 44.73
N LYS B 24 1.40 6.28 -32.04
CA LYS B 24 1.70 7.75 -32.08
C LYS B 24 0.49 8.60 -31.63
N LYS B 25 -0.70 8.01 -31.68
CA LYS B 25 -1.88 8.69 -31.19
C LYS B 25 -1.81 8.77 -29.66
N LEU B 26 -2.56 9.71 -29.07
CA LEU B 26 -2.48 9.91 -27.63
C LEU B 26 -2.75 8.63 -26.82
N ASP B 27 -3.76 7.86 -27.19
CA ASP B 27 -4.08 6.63 -26.45
C ASP B 27 -2.91 5.65 -26.45
N THR B 28 -2.19 5.58 -27.56
CA THR B 28 -1.00 4.71 -27.61
C THR B 28 0.11 5.28 -26.72
N GLN B 29 0.30 6.59 -26.80
CA GLN B 29 1.27 7.27 -25.97
C GLN B 29 1.00 6.99 -24.51
N LEU B 30 -0.26 7.21 -24.09
CA LEU B 30 -0.65 7.02 -22.71
C LEU B 30 -0.37 5.60 -22.18
N VAL B 31 -0.68 4.60 -22.98
CA VAL B 31 -0.44 3.23 -22.57
C VAL B 31 1.06 2.99 -22.33
N ASN B 32 1.88 3.52 -23.23
CA ASN B 32 3.30 3.23 -23.23
C ASN B 32 4.23 4.18 -22.51
N ALA B 33 3.78 5.41 -22.26
CA ALA B 33 4.61 6.44 -21.64
C ALA B 33 5.31 5.98 -20.34
N GLY B 34 6.62 6.02 -20.38
CA GLY B 34 7.46 5.67 -19.25
C GLY B 34 7.78 4.19 -19.15
N ARG B 35 7.24 3.35 -20.04
CA ARG B 35 7.38 1.90 -19.85
C ARG B 35 8.56 1.26 -20.56
N SER B 36 9.75 1.83 -20.39
CA SER B 36 10.97 1.20 -20.88
C SER B 36 11.26 0.00 -20.00
N LYS B 37 11.92 -0.98 -20.59
CA LYS B 37 12.30 -2.20 -19.92
C LYS B 37 13.17 -1.95 -18.70
N LYS B 38 13.92 -0.86 -18.71
CA LYS B 38 14.81 -0.58 -17.60
C LYS B 38 14.01 -0.18 -16.37
N TYR B 39 12.74 0.15 -16.58
CA TYR B 39 11.86 0.52 -15.46
C TYR B 39 10.84 -0.55 -15.10
N THR B 40 10.46 -1.37 -16.08
CA THR B 40 9.50 -2.45 -15.92
C THR B 40 10.12 -3.81 -15.50
N LEU B 41 11.35 -4.07 -15.95
CA LEU B 41 12.12 -5.24 -15.52
C LEU B 41 11.35 -6.57 -15.74
N GLY B 42 10.61 -6.62 -16.85
CA GLY B 42 9.84 -7.82 -17.20
C GLY B 42 8.35 -7.73 -16.96
N ALA B 43 7.95 -6.77 -16.13
CA ALA B 43 6.53 -6.64 -15.78
C ALA B 43 5.87 -5.68 -16.78
N VAL B 44 4.56 -5.49 -16.67
CA VAL B 44 3.89 -4.51 -17.56
C VAL B 44 4.10 -3.08 -17.02
N ASN B 45 3.89 -2.91 -15.72
CA ASN B 45 4.08 -1.61 -15.08
C ASN B 45 5.52 -1.41 -14.57
N SER B 46 5.93 -0.17 -14.30
CA SER B 46 7.27 0.05 -13.64
C SER B 46 7.30 -0.71 -12.33
N VAL B 47 8.47 -1.14 -11.88
CA VAL B 47 8.64 -1.69 -10.52
C VAL B 47 8.41 -0.57 -9.52
N ILE B 48 8.06 -0.97 -8.31
CA ILE B 48 8.03 -0.04 -7.21
C ILE B 48 9.30 -0.20 -6.38
N GLN B 49 10.22 0.74 -6.53
CA GLN B 49 11.49 0.74 -5.77
C GLN B 49 11.39 1.70 -4.57
N ARG B 50 11.17 1.13 -3.40
CA ARG B 50 11.05 1.92 -2.16
C ARG B 50 12.47 2.04 -1.62
N ALA B 51 12.92 3.28 -1.40
CA ALA B 51 14.29 3.48 -0.91
C ALA B 51 14.58 4.89 -0.47
N SER B 52 15.37 4.99 0.58
CA SER B 52 16.04 6.23 0.87
C SER B 52 17.47 5.98 0.43
N SER B 53 18.22 5.15 1.17
CA SER B 53 19.59 4.77 0.78
C SER B 53 19.61 4.09 -0.61
N LEU B 54 20.51 4.52 -1.48
CA LEU B 54 20.86 3.74 -2.67
C LEU B 54 22.34 3.36 -2.58
N VAL B 55 22.62 2.08 -2.82
CA VAL B 55 23.91 1.50 -2.51
C VAL B 55 24.83 1.62 -3.71
N PHE B 56 26.06 2.02 -3.42
CA PHE B 56 27.11 2.13 -4.42
C PHE B 56 28.04 0.95 -4.20
N ASP B 57 28.31 0.21 -5.26
CA ASP B 57 29.12 -0.99 -5.12
C ASP B 57 30.62 -0.71 -5.10
N SER B 58 31.00 0.51 -5.46
CA SER B 58 32.40 0.91 -5.44
C SER B 58 32.52 2.43 -5.44
N VAL B 59 33.71 2.92 -5.07
CA VAL B 59 34.01 4.34 -5.11
C VAL B 59 33.74 4.87 -6.52
N GLU B 60 34.12 4.08 -7.51
CA GLU B 60 33.95 4.47 -8.91
C GLU B 60 32.48 4.63 -9.28
N ALA B 61 31.64 3.67 -8.89
CA ALA B 61 30.18 3.74 -9.10
C ALA B 61 29.56 4.93 -8.35
N LYS B 62 30.02 5.17 -7.13
CA LYS B 62 29.53 6.29 -6.29
C LYS B 62 29.83 7.63 -6.96
N LYS B 63 31.01 7.72 -7.58
CA LYS B 63 31.43 8.95 -8.23
C LYS B 63 30.63 9.16 -9.52
N HIS B 64 30.43 8.06 -10.27
CA HIS B 64 29.58 8.08 -11.47
C HIS B 64 28.11 8.45 -11.15
N ALA B 65 27.58 7.96 -10.01
CA ALA B 65 26.20 8.29 -9.60
C ALA B 65 26.07 9.74 -9.17
N THR B 66 27.11 10.25 -8.52
CA THR B 66 27.13 11.63 -8.05
C THR B 66 27.05 12.55 -9.27
N ARG B 67 27.90 12.30 -10.26
CA ARG B 67 27.88 13.09 -11.50
C ARG B 67 26.50 13.11 -12.22
N ASN B 68 25.78 12.00 -12.13
CA ASN B 68 24.50 11.79 -12.83
C ASN B 68 23.26 11.80 -11.92
N ARG B 69 23.41 12.40 -10.74
CA ARG B 69 22.40 12.37 -9.67
C ARG B 69 21.10 13.13 -10.00
N ALA B 70 21.17 14.09 -10.93
CA ALA B 70 19.98 14.80 -11.40
C ALA B 70 19.59 14.33 -12.80
N ASN B 71 20.17 13.20 -13.20
CA ASN B 71 20.18 12.76 -14.60
C ASN B 71 19.73 11.29 -14.76
N GLY B 72 18.90 10.83 -13.83
CA GLY B 72 18.28 9.51 -13.94
C GLY B 72 19.13 8.33 -13.50
N GLU B 73 20.24 8.58 -12.81
CA GLU B 73 20.99 7.51 -12.14
C GLU B 73 20.66 7.40 -10.64
N LEU B 74 20.50 6.17 -10.15
CA LEU B 74 20.24 5.96 -8.73
C LEU B 74 21.35 6.55 -7.89
N PHE B 75 20.98 7.46 -6.99
CA PHE B 75 21.96 8.13 -6.13
C PHE B 75 21.45 8.28 -4.68
N TYR B 76 20.26 8.88 -4.52
CA TYR B 76 19.67 8.99 -3.20
C TYR B 76 18.13 9.08 -3.40
N GLY B 77 17.38 8.43 -2.50
CA GLY B 77 15.92 8.40 -2.57
C GLY B 77 15.24 9.76 -2.77
N ARG B 78 15.91 10.81 -2.29
CA ARG B 78 15.34 12.17 -2.33
C ARG B 78 15.34 12.69 -3.75
N ARG B 79 16.32 12.25 -4.52
CA ARG B 79 16.35 12.50 -5.95
C ARG B 79 15.41 11.56 -6.73
N GLY B 80 15.05 10.42 -6.14
CA GLY B 80 14.17 9.46 -6.82
C GLY B 80 14.77 8.09 -7.10
N THR B 81 13.87 7.15 -7.37
CA THR B 81 14.25 5.78 -7.73
C THR B 81 13.79 5.44 -9.16
N LEU B 82 13.87 4.17 -9.54
CA LEU B 82 13.43 3.81 -10.89
C LEU B 82 11.99 4.18 -11.14
N THR B 83 11.20 4.10 -10.08
CA THR B 83 9.77 4.35 -10.15
C THR B 83 9.50 5.85 -10.44
N HIS B 84 10.29 6.73 -9.82
CA HIS B 84 10.18 8.18 -10.15
C HIS B 84 10.64 8.44 -11.56
N PHE B 85 11.79 7.85 -11.91
CA PHE B 85 12.35 8.11 -13.24
C PHE B 85 11.36 7.75 -14.34
N SER B 86 10.60 6.66 -14.15
CA SER B 86 9.59 6.21 -15.09
C SER B 86 8.46 7.26 -15.24
N LEU B 87 7.91 7.71 -14.12
CA LEU B 87 6.89 8.75 -14.20
C LEU B 87 7.40 10.04 -14.86
N GLN B 88 8.58 10.45 -14.45
CA GLN B 88 9.22 11.64 -15.02
C GLN B 88 9.34 11.56 -16.53
N GLN B 89 9.85 10.42 -17.02
CA GLN B 89 9.94 10.18 -18.45
C GLN B 89 8.56 10.27 -19.12
N ALA B 90 7.57 9.66 -18.48
CA ALA B 90 6.22 9.68 -19.02
C ALA B 90 5.64 11.11 -19.12
N MET B 91 5.82 11.90 -18.06
CA MET B 91 5.38 13.29 -18.05
C MET B 91 6.06 14.15 -19.14
N CYS B 92 7.39 13.98 -19.32
CA CYS B 92 8.15 14.72 -20.32
C CYS B 92 7.66 14.38 -21.72
N GLU B 93 7.35 13.10 -21.96
CA GLU B 93 6.78 12.63 -23.21
C GLU B 93 5.39 13.23 -23.41
N LEU B 94 4.51 13.10 -22.44
CA LEU B 94 3.16 13.58 -22.64
C LEU B 94 3.02 15.09 -22.82
N GLU B 95 3.80 15.87 -22.08
CA GLU B 95 3.73 17.33 -22.15
C GLU B 95 4.80 17.93 -23.04
N GLY B 96 5.73 17.12 -23.55
CA GLY B 96 6.77 17.66 -24.43
C GLY B 96 7.80 18.53 -23.70
N GLY B 97 8.13 18.13 -22.48
CA GLY B 97 9.09 18.87 -21.64
C GLY B 97 10.52 18.32 -21.66
N ALA B 98 11.45 19.12 -21.15
CA ALA B 98 12.81 18.69 -20.97
C ALA B 98 12.97 17.99 -19.63
N GLY B 99 12.08 18.29 -18.65
CA GLY B 99 12.14 17.64 -17.36
C GLY B 99 10.82 17.75 -16.60
N CYS B 100 10.64 16.88 -15.62
CA CYS B 100 9.49 16.84 -14.78
C CYS B 100 9.97 16.90 -13.32
N VAL B 101 9.45 17.86 -12.54
CA VAL B 101 9.85 17.93 -11.16
C VAL B 101 8.60 17.52 -10.37
N LEU B 102 8.81 16.73 -9.31
CA LEU B 102 7.70 16.11 -8.55
C LEU B 102 7.55 16.69 -7.15
N PHE B 103 6.31 16.72 -6.66
CA PHE B 103 6.00 17.40 -5.41
C PHE B 103 4.92 16.56 -4.73
N PRO B 104 4.75 16.74 -3.40
CA PRO B 104 3.78 16.02 -2.59
C PRO B 104 2.32 16.26 -2.96
N CYS B 105 2.02 17.40 -3.61
CA CYS B 105 0.67 17.74 -4.05
C CYS B 105 0.75 18.92 -5.02
N GLY B 106 -0.38 19.22 -5.64
CA GLY B 106 -0.52 20.33 -6.57
C GLY B 106 -0.08 21.64 -5.91
N ALA B 107 -0.62 21.93 -4.71
CA ALA B 107 -0.25 23.16 -4.02
C ALA B 107 1.23 23.32 -3.74
N ALA B 108 1.91 22.21 -3.39
CA ALA B 108 3.35 22.18 -3.28
C ALA B 108 4.03 22.46 -4.62
N ALA B 109 3.51 21.93 -5.73
CA ALA B 109 4.13 22.22 -7.05
C ALA B 109 3.97 23.69 -7.39
N VAL B 110 2.79 24.26 -7.09
CA VAL B 110 2.59 25.72 -7.32
C VAL B 110 3.52 26.62 -6.50
N ALA B 111 3.48 26.50 -5.17
CA ALA B 111 4.25 27.35 -4.29
C ALA B 111 5.74 27.21 -4.62
N ASN B 112 6.18 25.96 -4.76
CA ASN B 112 7.60 25.70 -4.94
C ASN B 112 8.11 26.04 -6.33
N SER B 113 7.27 25.87 -7.36
CA SER B 113 7.68 26.34 -8.72
C SER B 113 7.89 27.86 -8.72
N ILE B 114 6.97 28.62 -8.12
CA ILE B 114 7.13 30.08 -8.07
C ILE B 114 8.32 30.51 -7.22
N LEU B 115 8.48 29.89 -6.03
CA LEU B 115 9.59 30.19 -5.13
C LEU B 115 10.93 29.96 -5.83
N ALA B 116 11.00 28.89 -6.62
CA ALA B 116 12.24 28.50 -7.31
C ALA B 116 12.80 29.60 -8.22
N PHE B 117 11.95 30.48 -8.74
CA PHE B 117 12.41 31.52 -9.69
C PHE B 117 12.44 32.96 -9.14
N ILE B 118 12.01 33.17 -7.91
CA ILE B 118 11.97 34.55 -7.41
C ILE B 118 13.13 34.91 -6.46
N GLU B 119 13.24 36.23 -6.26
CA GLU B 119 14.23 36.84 -5.38
C GLU B 119 13.58 38.06 -4.81
N GLN B 120 14.10 38.55 -3.68
CA GLN B 120 13.58 39.82 -3.12
C GLN B 120 13.64 40.92 -4.19
N GLY B 121 12.60 41.74 -4.23
CA GLY B 121 12.50 42.81 -5.22
C GLY B 121 11.82 42.43 -6.53
N ASP B 122 11.43 41.16 -6.69
CA ASP B 122 10.73 40.69 -7.90
C ASP B 122 9.24 40.96 -7.88
N HIS B 123 8.58 40.90 -9.04
CA HIS B 123 7.12 41.07 -9.11
C HIS B 123 6.56 39.83 -9.76
N VAL B 124 5.44 39.37 -9.21
CA VAL B 124 4.69 38.21 -9.75
C VAL B 124 3.36 38.72 -10.27
N LEU B 125 3.01 38.37 -11.50
CA LEU B 125 1.73 38.78 -12.09
C LEU B 125 0.86 37.53 -12.29
N MET B 126 -0.28 37.46 -11.61
CA MET B 126 -1.05 36.21 -11.58
C MET B 126 -2.52 36.40 -11.98
N THR B 127 -3.10 35.47 -12.73
CA THR B 127 -4.52 35.65 -13.08
C THR B 127 -5.35 35.72 -11.80
N ASN B 128 -6.35 36.60 -11.76
CA ASN B 128 -7.17 36.67 -10.54
C ASN B 128 -8.15 35.49 -10.41
N THR B 129 -8.21 34.64 -11.42
CA THR B 129 -8.98 33.38 -11.37
C THR B 129 -8.13 32.19 -10.93
N ALA B 130 -6.94 32.47 -10.41
CA ALA B 130 -6.03 31.40 -9.89
C ALA B 130 -6.63 30.75 -8.66
N TYR B 131 -6.44 29.43 -8.55
CA TYR B 131 -6.85 28.66 -7.37
C TYR B 131 -6.48 29.42 -6.09
N GLU B 132 -7.38 29.47 -5.11
CA GLU B 132 -7.20 30.39 -3.96
C GLU B 132 -5.85 30.19 -3.21
N PRO B 133 -5.47 28.92 -2.92
CA PRO B 133 -4.17 28.71 -2.23
C PRO B 133 -2.98 29.21 -3.03
N SER B 134 -3.10 29.25 -4.36
CA SER B 134 -2.08 29.82 -5.19
C SER B 134 -1.93 31.32 -4.96
N GLN B 135 -3.06 32.03 -4.90
CA GLN B 135 -3.07 33.44 -4.58
C GLN B 135 -2.55 33.68 -3.16
N ASP B 136 -3.09 32.91 -2.18
CA ASP B 136 -2.65 33.06 -0.78
C ASP B 136 -1.20 32.80 -0.58
N PHE B 137 -0.59 31.89 -1.36
CA PHE B 137 0.85 31.72 -1.26
C PHE B 137 1.55 33.08 -1.59
N CYS B 138 1.11 33.73 -2.66
CA CYS B 138 1.69 34.98 -3.07
C CYS B 138 1.46 36.08 -2.03
N SER B 139 0.24 36.15 -1.52
CA SER B 139 -0.11 37.28 -0.68
C SER B 139 0.42 37.10 0.76
N LYS B 140 0.49 35.86 1.26
CA LYS B 140 0.97 35.60 2.63
C LYS B 140 2.43 35.14 2.73
N ILE B 141 2.96 34.47 1.73
CA ILE B 141 4.34 34.00 1.86
C ILE B 141 5.29 34.90 1.12
N LEU B 142 5.06 35.09 -0.19
CA LEU B 142 5.95 35.94 -0.99
C LEU B 142 6.09 37.38 -0.48
N SER B 143 5.00 37.94 0.05
CA SER B 143 5.02 39.35 0.39
C SER B 143 6.02 39.66 1.47
N LYS B 144 6.24 38.72 2.39
CA LYS B 144 7.13 38.99 3.50
C LYS B 144 8.57 38.67 3.11
N LEU B 145 8.77 38.18 1.89
CA LEU B 145 10.12 37.90 1.39
C LEU B 145 10.52 38.96 0.36
N GLY B 146 9.78 40.07 0.34
CA GLY B 146 10.11 41.25 -0.47
C GLY B 146 9.71 41.09 -1.92
N VAL B 147 8.72 40.24 -2.14
CA VAL B 147 8.25 39.94 -3.47
C VAL B 147 6.78 40.38 -3.56
N THR B 148 6.47 41.25 -4.51
CA THR B 148 5.11 41.75 -4.68
C THR B 148 4.33 40.97 -5.76
N THR B 149 3.02 41.00 -5.66
CA THR B 149 2.16 40.32 -6.58
C THR B 149 1.04 41.26 -6.98
N SER B 150 0.67 41.27 -8.27
CA SER B 150 -0.58 41.89 -8.67
C SER B 150 -1.33 40.86 -9.52
N TRP B 151 -2.56 41.21 -9.90
CA TRP B 151 -3.50 40.30 -10.54
C TRP B 151 -4.09 40.92 -11.80
N PHE B 152 -4.55 40.05 -12.70
CA PHE B 152 -5.18 40.46 -13.97
C PHE B 152 -6.45 39.64 -14.31
N ASP B 153 -7.30 40.24 -15.14
CA ASP B 153 -8.53 39.60 -15.51
C ASP B 153 -8.15 38.57 -16.54
N PRO B 154 -8.76 37.38 -16.44
CA PRO B 154 -8.30 36.29 -17.30
C PRO B 154 -8.51 36.56 -18.80
N LEU B 155 -9.44 37.45 -19.16
CA LEU B 155 -9.68 37.77 -20.57
C LEU B 155 -8.94 39.02 -21.05
N ILE B 156 -7.90 39.44 -20.31
CA ILE B 156 -7.14 40.64 -20.66
C ILE B 156 -6.39 40.49 -21.99
N GLY B 157 -6.03 39.25 -22.33
CA GLY B 157 -5.33 38.98 -23.59
C GLY B 157 -4.14 39.89 -23.80
N ALA B 158 -4.05 40.53 -24.96
CA ALA B 158 -2.86 41.31 -25.34
C ALA B 158 -2.67 42.54 -24.47
N ASP B 159 -3.75 42.99 -23.83
CA ASP B 159 -3.69 44.13 -22.94
C ASP B 159 -2.99 43.84 -21.62
N ILE B 160 -2.53 42.60 -21.41
CA ILE B 160 -1.66 42.25 -20.26
C ILE B 160 -0.41 43.17 -20.12
N VAL B 161 0.03 43.74 -21.24
CA VAL B 161 1.16 44.70 -21.25
C VAL B 161 0.97 45.79 -20.20
N LYS B 162 -0.29 46.20 -20.00
CA LYS B 162 -0.64 47.23 -19.04
C LYS B 162 -0.27 46.89 -17.60
N HIS B 163 -0.13 45.59 -17.31
CA HIS B 163 0.14 45.10 -15.94
C HIS B 163 1.58 44.66 -15.70
N LEU B 164 2.40 44.71 -16.74
CA LEU B 164 3.81 44.35 -16.60
C LEU B 164 4.61 45.46 -15.94
N GLN B 165 5.55 45.06 -15.11
CA GLN B 165 6.48 45.98 -14.48
C GLN B 165 7.90 45.66 -14.92
N PRO B 166 8.82 46.64 -14.73
CA PRO B 166 10.23 46.39 -14.96
C PRO B 166 10.70 45.15 -14.22
N ASN B 167 10.19 44.92 -12.99
CA ASN B 167 10.63 43.81 -12.14
C ASN B 167 9.78 42.53 -12.20
N THR B 168 8.83 42.48 -13.13
CA THR B 168 7.99 41.27 -13.31
C THR B 168 8.85 40.07 -13.69
N LYS B 169 8.93 39.08 -12.79
CA LYS B 169 9.73 37.85 -12.98
C LYS B 169 8.86 36.69 -13.45
N ILE B 170 7.63 36.61 -12.91
CA ILE B 170 6.76 35.52 -13.25
C ILE B 170 5.42 36.03 -13.73
N VAL B 171 4.89 35.41 -14.78
CA VAL B 171 3.50 35.61 -15.14
C VAL B 171 2.79 34.27 -14.96
N PHE B 172 1.77 34.24 -14.10
CA PHE B 172 1.14 32.98 -13.69
C PHE B 172 -0.26 32.82 -14.28
N LEU B 173 -0.44 31.82 -15.14
CA LEU B 173 -1.72 31.62 -15.84
C LEU B 173 -2.45 30.44 -15.24
N GLU B 174 -3.79 30.42 -15.35
CA GLU B 174 -4.59 29.21 -15.07
C GLU B 174 -5.80 29.19 -16.02
N SER B 175 -5.86 28.22 -16.91
CA SER B 175 -6.84 28.22 -17.99
C SER B 175 -7.34 26.80 -18.21
N PRO B 176 -8.66 26.58 -18.08
CA PRO B 176 -9.70 27.50 -17.55
C PRO B 176 -9.42 27.88 -16.10
N GLY B 177 -10.05 28.98 -15.63
CA GLY B 177 -9.85 29.54 -14.30
C GLY B 177 -10.51 28.65 -13.26
N SER B 178 -10.08 28.73 -12.00
CA SER B 178 -10.67 27.94 -10.93
C SER B 178 -12.07 28.44 -10.74
N ILE B 179 -13.00 27.51 -10.56
CA ILE B 179 -14.42 27.77 -10.22
C ILE B 179 -15.29 28.42 -11.33
N THR B 180 -14.84 29.55 -11.84
CA THR B 180 -15.60 30.35 -12.80
C THR B 180 -15.26 30.00 -14.27
N MET B 181 -14.17 29.24 -14.45
CA MET B 181 -13.84 28.57 -15.73
C MET B 181 -13.49 29.44 -16.94
N GLU B 182 -12.97 30.67 -16.75
CA GLU B 182 -12.66 31.54 -17.90
C GLU B 182 -11.44 30.99 -18.61
N VAL B 183 -11.50 30.88 -19.94
CA VAL B 183 -10.31 30.45 -20.70
C VAL B 183 -9.46 31.66 -21.16
N HIS B 184 -8.14 31.60 -20.94
CA HIS B 184 -7.20 32.61 -21.38
C HIS B 184 -7.06 32.56 -22.92
N ASP B 185 -6.79 33.72 -23.50
CA ASP B 185 -6.22 33.76 -24.85
C ASP B 185 -4.71 33.68 -24.64
N VAL B 186 -4.22 32.44 -24.43
CA VAL B 186 -2.79 32.20 -24.21
C VAL B 186 -1.85 32.76 -25.31
N PRO B 187 -2.08 32.44 -26.63
CA PRO B 187 -1.28 33.06 -27.70
C PRO B 187 -1.08 34.59 -27.57
N ALA B 188 -2.16 35.32 -27.28
CA ALA B 188 -2.12 36.80 -27.17
C ALA B 188 -1.37 37.23 -25.92
N ILE B 189 -1.63 36.53 -24.80
CA ILE B 189 -0.95 36.83 -23.54
C ILE B 189 0.54 36.60 -23.66
N VAL B 190 0.92 35.41 -24.12
CA VAL B 190 2.34 35.07 -24.30
C VAL B 190 3.07 36.06 -25.22
N ALA B 191 2.53 36.31 -26.40
CA ALA B 191 3.11 37.30 -27.31
C ALA B 191 3.28 38.66 -26.65
N ALA B 192 2.32 39.08 -25.83
CA ALA B 192 2.38 40.38 -25.19
C ALA B 192 3.48 40.47 -24.14
N VAL B 193 3.59 39.41 -23.33
CA VAL B 193 4.59 39.30 -22.29
C VAL B 193 6.00 39.29 -22.91
N ARG B 194 6.21 38.43 -23.93
CA ARG B 194 7.52 38.32 -24.59
C ARG B 194 7.94 39.65 -25.24
N SER B 195 6.97 40.48 -25.66
CA SER B 195 7.27 41.76 -26.32
C SER B 195 7.87 42.79 -25.37
N VAL B 196 7.67 42.60 -24.06
CA VAL B 196 8.00 43.62 -23.05
C VAL B 196 9.03 43.09 -22.05
N VAL B 197 8.83 41.85 -21.57
CA VAL B 197 9.72 41.19 -20.63
C VAL B 197 10.01 39.77 -21.18
N PRO B 198 10.78 39.69 -22.30
CA PRO B 198 10.97 38.38 -22.92
C PRO B 198 11.56 37.34 -21.98
N ASP B 199 12.32 37.76 -20.96
CA ASP B 199 12.94 36.79 -20.01
C ASP B 199 12.09 36.44 -18.79
N ALA B 200 10.82 36.86 -18.79
CA ALA B 200 9.89 36.45 -17.74
C ALA B 200 9.74 34.93 -17.76
N ILE B 201 9.40 34.37 -16.60
CA ILE B 201 9.04 32.96 -16.52
C ILE B 201 7.53 32.83 -16.59
N ILE B 202 7.02 32.22 -17.65
CA ILE B 202 5.57 32.11 -17.76
C ILE B 202 5.21 30.68 -17.34
N MET B 203 4.28 30.59 -16.42
CA MET B 203 3.87 29.31 -15.87
C MET B 203 2.39 29.21 -15.99
N ILE B 204 1.91 27.98 -16.04
CA ILE B 204 0.48 27.72 -16.08
C ILE B 204 0.11 26.57 -15.13
N ASP B 205 -0.98 26.74 -14.39
CA ASP B 205 -1.62 25.59 -13.76
C ASP B 205 -2.56 24.94 -14.78
N ASN B 206 -2.06 23.86 -15.34
CA ASN B 206 -2.68 23.15 -16.48
C ASN B 206 -3.47 21.87 -16.04
N THR B 207 -4.03 21.92 -14.82
CA THR B 207 -4.63 20.74 -14.20
C THR B 207 -5.98 20.34 -14.87
N TRP B 208 -6.82 21.33 -15.20
CA TRP B 208 -8.09 21.05 -15.89
C TRP B 208 -7.93 20.22 -17.18
N ALA B 209 -6.91 20.55 -17.97
CA ALA B 209 -6.56 19.89 -19.23
C ALA B 209 -5.78 18.57 -19.07
N ALA B 210 -5.39 18.29 -17.82
CA ALA B 210 -4.56 17.17 -17.45
C ALA B 210 -3.22 17.20 -18.19
N GLY B 211 -2.76 18.39 -18.54
CA GLY B 211 -1.50 18.58 -19.29
C GLY B 211 -1.59 18.15 -20.75
N VAL B 212 -2.72 17.57 -21.17
CA VAL B 212 -2.75 16.89 -22.50
C VAL B 212 -3.82 17.46 -23.43
N LEU B 213 -4.90 18.02 -22.88
CA LEU B 213 -5.90 18.69 -23.74
C LEU B 213 -5.48 20.10 -24.19
N PHE B 214 -4.42 20.59 -23.56
CA PHE B 214 -3.84 21.87 -23.90
C PHE B 214 -2.32 21.73 -23.73
N LYS B 215 -1.58 21.77 -24.84
CA LYS B 215 -0.15 21.58 -24.80
C LYS B 215 0.58 22.88 -24.55
N ALA B 216 0.67 23.21 -23.25
CA ALA B 216 1.16 24.47 -22.73
C ALA B 216 2.54 24.81 -23.28
N LEU B 217 3.42 23.82 -23.29
CA LEU B 217 4.78 24.05 -23.75
C LEU B 217 4.90 24.39 -25.25
N ASP B 218 3.96 23.93 -26.06
CA ASP B 218 3.91 24.32 -27.46
C ASP B 218 3.47 25.77 -27.64
N PHE B 219 2.96 26.39 -26.58
CA PHE B 219 2.39 27.72 -26.67
C PHE B 219 3.37 28.79 -26.18
N GLY B 220 4.62 28.37 -25.95
CA GLY B 220 5.68 29.24 -25.45
C GLY B 220 5.62 29.51 -23.94
N ILE B 221 4.93 28.63 -23.20
CA ILE B 221 4.92 28.70 -21.73
C ILE B 221 6.15 27.96 -21.27
N ASP B 222 6.77 28.44 -20.19
CA ASP B 222 7.97 27.80 -19.68
C ASP B 222 7.67 26.61 -18.74
N VAL B 223 6.62 26.67 -17.93
CA VAL B 223 6.43 25.61 -16.92
C VAL B 223 4.92 25.26 -16.89
N SER B 224 4.61 23.99 -17.05
CA SER B 224 3.23 23.51 -17.01
C SER B 224 3.11 22.72 -15.74
N ILE B 225 2.26 23.21 -14.82
CA ILE B 225 2.18 22.67 -13.47
C ILE B 225 0.82 21.92 -13.38
N GLN B 226 0.77 20.77 -12.73
CA GLN B 226 -0.48 20.07 -12.46
C GLN B 226 -0.57 19.57 -11.04
N ALA B 227 -1.78 19.66 -10.51
CA ALA B 227 -2.15 18.81 -9.42
C ALA B 227 -2.44 17.42 -10.06
N ALA B 228 -1.45 16.55 -10.05
CA ALA B 228 -1.61 15.20 -10.62
C ALA B 228 -2.65 14.41 -9.86
N THR B 229 -2.89 14.86 -8.62
CA THR B 229 -4.01 14.47 -7.76
C THR B 229 -5.39 14.34 -8.45
N LYS B 230 -5.62 15.21 -9.43
CA LYS B 230 -6.87 15.25 -10.20
C LYS B 230 -6.87 14.15 -11.28
N TYR B 231 -7.00 14.53 -12.53
CA TYR B 231 -7.12 13.51 -13.60
C TYR B 231 -6.01 12.47 -13.76
N LEU B 232 -4.73 12.82 -13.53
CA LEU B 232 -3.66 11.87 -13.83
C LEU B 232 -3.83 10.66 -12.90
N VAL B 233 -4.01 10.90 -11.61
CA VAL B 233 -4.34 9.82 -10.66
C VAL B 233 -5.74 9.25 -10.95
N GLY B 234 -6.73 10.14 -11.01
CA GLY B 234 -8.07 9.83 -11.53
C GLY B 234 -9.03 9.10 -10.60
N HIS B 235 -8.59 8.83 -9.36
CA HIS B 235 -9.38 8.00 -8.44
C HIS B 235 -9.53 8.61 -7.04
N SER B 236 -9.08 9.85 -6.88
CA SER B 236 -9.26 10.59 -5.62
C SER B 236 -8.58 9.94 -4.40
N ASP B 237 -7.49 9.21 -4.61
CA ASP B 237 -6.78 8.50 -3.52
C ASP B 237 -5.26 8.66 -3.44
N ALA B 238 -4.70 9.55 -4.23
CA ALA B 238 -3.29 9.91 -4.08
C ALA B 238 -3.13 11.39 -4.37
N MET B 239 -2.16 12.03 -3.72
CA MET B 239 -1.81 13.44 -3.96
C MET B 239 -0.35 13.55 -4.47
N ILE B 240 -0.14 14.44 -5.45
CA ILE B 240 1.14 14.61 -6.16
C ILE B 240 1.01 15.84 -7.04
N GLY B 241 2.08 16.61 -7.12
CA GLY B 241 2.20 17.75 -8.05
C GLY B 241 3.28 17.42 -9.05
N THR B 242 3.12 17.95 -10.27
CA THR B 242 4.15 17.82 -11.32
C THR B 242 4.40 19.20 -11.88
N ALA B 243 5.62 19.49 -12.27
CA ALA B 243 5.93 20.66 -13.11
C ALA B 243 6.78 20.19 -14.23
N VAL B 244 6.23 20.20 -15.45
CA VAL B 244 7.02 19.90 -16.67
C VAL B 244 7.60 21.21 -17.23
N CYS B 245 8.92 21.21 -17.46
CA CYS B 245 9.70 22.43 -17.70
C CYS B 245 10.23 22.31 -19.11
N ASN B 246 10.29 23.43 -19.83
CA ASN B 246 11.19 23.49 -21.02
C ASN B 246 12.65 23.38 -20.59
N ALA B 247 13.52 23.16 -21.57
CA ALA B 247 14.99 23.17 -21.38
C ALA B 247 15.55 24.40 -20.67
N ARG B 248 15.06 25.59 -21.03
CA ARG B 248 15.46 26.85 -20.37
C ARG B 248 15.32 26.78 -18.84
N CYS B 249 14.17 26.30 -18.38
CA CYS B 249 13.82 26.44 -16.97
C CYS B 249 14.04 25.24 -16.06
N TRP B 250 14.33 24.10 -16.64
CA TRP B 250 14.33 22.85 -15.90
C TRP B 250 15.36 22.83 -14.76
N GLU B 251 16.62 23.12 -15.06
CA GLU B 251 17.66 23.08 -14.02
C GLU B 251 17.31 23.85 -12.75
N GLN B 252 16.87 25.11 -12.89
CA GLN B 252 16.69 26.00 -11.77
C GLN B 252 15.47 25.53 -10.97
N LEU B 253 14.44 25.09 -11.67
CA LEU B 253 13.27 24.58 -10.98
C LEU B 253 13.67 23.33 -10.20
N ARG B 254 14.42 22.44 -10.83
CA ARG B 254 14.72 21.18 -10.22
C ARG B 254 15.64 21.34 -9.01
N GLU B 255 16.72 22.11 -9.18
CA GLU B 255 17.71 22.27 -8.12
C GLU B 255 17.15 23.07 -6.94
N ASN B 256 16.34 24.10 -7.23
CA ASN B 256 15.80 24.93 -6.17
C ASN B 256 14.68 24.21 -5.45
N ALA B 257 13.89 23.41 -6.17
CA ALA B 257 12.90 22.56 -5.51
C ALA B 257 13.61 21.47 -4.67
N TYR B 258 14.73 20.94 -5.15
CA TYR B 258 15.47 19.99 -4.34
C TYR B 258 15.95 20.57 -3.00
N LEU B 259 16.43 21.82 -3.03
CA LEU B 259 16.89 22.52 -1.82
C LEU B 259 15.75 22.70 -0.78
N MET B 260 14.50 22.68 -1.26
CA MET B 260 13.32 22.70 -0.38
C MET B 260 12.87 21.27 -0.04
N GLY B 261 13.70 20.27 -0.40
CA GLY B 261 13.40 18.86 -0.11
C GLY B 261 12.14 18.33 -0.78
N GLN B 262 11.72 18.95 -1.89
CA GLN B 262 10.51 18.48 -2.60
C GLN B 262 10.69 17.16 -3.36
N MET B 263 9.77 16.23 -3.12
CA MET B 263 9.71 14.92 -3.70
C MET B 263 8.35 14.38 -3.41
N VAL B 264 8.08 13.25 -4.07
CA VAL B 264 6.90 12.43 -3.84
C VAL B 264 7.33 10.98 -3.61
N ASP B 265 6.53 10.22 -2.88
CA ASP B 265 6.92 8.83 -2.57
C ASP B 265 6.77 7.90 -3.77
N ALA B 266 7.60 6.84 -3.80
CA ALA B 266 7.65 5.93 -4.92
C ALA B 266 6.31 5.31 -5.26
N ASP B 267 5.54 4.89 -4.25
CA ASP B 267 4.17 4.32 -4.44
C ASP B 267 3.21 5.25 -5.15
N THR B 268 3.17 6.51 -4.72
CA THR B 268 2.37 7.52 -5.40
C THR B 268 2.84 7.71 -6.84
N ALA B 269 4.15 7.70 -7.11
CA ALA B 269 4.65 7.88 -8.49
C ALA B 269 4.13 6.73 -9.37
N TYR B 270 4.23 5.51 -8.86
CA TYR B 270 3.67 4.32 -9.52
C TYR B 270 2.21 4.47 -9.90
N ILE B 271 1.43 4.89 -8.92
CA ILE B 271 -0.02 5.03 -9.05
C ILE B 271 -0.36 6.14 -10.04
N THR B 272 0.48 7.19 -10.05
CA THR B 272 0.32 8.20 -11.07
C THR B 272 0.60 7.66 -12.50
N SER B 273 1.74 7.02 -12.73
CA SER B 273 2.01 6.40 -14.03
C SER B 273 0.85 5.47 -14.46
N ARG B 274 0.33 4.72 -13.48
CA ARG B 274 -0.78 3.79 -13.67
C ARG B 274 -2.05 4.51 -14.08
N GLY B 275 -2.33 5.64 -13.44
CA GLY B 275 -3.38 6.56 -13.88
C GLY B 275 -3.32 7.01 -15.32
N LEU B 276 -2.11 7.26 -15.83
CA LEU B 276 -1.99 7.70 -17.22
C LEU B 276 -2.67 6.68 -18.16
N ARG B 277 -2.64 5.40 -17.78
CA ARG B 277 -3.03 4.31 -18.68
C ARG B 277 -4.47 4.41 -19.14
N THR B 278 -5.36 4.87 -18.25
CA THR B 278 -6.76 5.02 -18.56
C THR B 278 -7.16 6.50 -18.75
N LEU B 279 -6.21 7.40 -18.84
CA LEU B 279 -6.58 8.85 -18.90
C LEU B 279 -7.36 9.18 -20.17
N GLY B 280 -7.05 8.55 -21.28
CA GLY B 280 -7.81 8.83 -22.53
C GLY B 280 -9.25 8.37 -22.48
N VAL B 281 -9.47 7.12 -22.09
CA VAL B 281 -10.83 6.60 -21.99
C VAL B 281 -11.62 7.38 -20.95
N ARG B 282 -10.95 7.83 -19.88
CA ARG B 282 -11.66 8.58 -18.83
C ARG B 282 -12.03 9.98 -19.30
N LEU B 283 -11.05 10.71 -19.79
CA LEU B 283 -11.32 12.07 -20.31
C LEU B 283 -12.39 12.14 -21.40
N ARG B 284 -12.42 11.15 -22.31
CA ARG B 284 -13.45 11.14 -23.38
C ARG B 284 -14.81 11.02 -22.73
N GLN B 285 -14.89 10.20 -21.69
CA GLN B 285 -16.17 10.04 -21.01
C GLN B 285 -16.55 11.30 -20.22
N HIS B 286 -15.62 11.85 -19.44
CA HIS B 286 -15.82 13.15 -18.77
C HIS B 286 -16.25 14.25 -19.75
N HIS B 287 -15.59 14.34 -20.91
CA HIS B 287 -15.95 15.28 -21.94
C HIS B 287 -17.39 15.03 -22.43
N GLU B 288 -17.64 13.86 -23.00
CA GLU B 288 -18.99 13.54 -23.46
C GLU B 288 -20.09 13.85 -22.44
N SER B 289 -19.95 13.30 -21.22
CA SER B 289 -20.96 13.48 -20.20
C SER B 289 -21.11 14.93 -19.71
N SER B 290 -20.00 15.62 -19.47
CA SER B 290 -20.11 16.99 -18.94
C SER B 290 -20.77 17.92 -19.95
N LEU B 291 -20.46 17.74 -21.23
CA LEU B 291 -21.07 18.57 -22.25
C LEU B 291 -22.57 18.33 -22.34
N LYS B 292 -23.01 17.07 -22.29
CA LYS B 292 -24.43 16.76 -22.27
C LYS B 292 -25.09 17.43 -21.05
N VAL B 293 -24.46 17.38 -19.87
CA VAL B 293 -25.09 18.00 -18.68
C VAL B 293 -25.20 19.53 -18.86
N ALA B 294 -24.15 20.11 -19.44
CA ALA B 294 -24.03 21.57 -19.58
C ALA B 294 -25.04 22.10 -20.60
N GLU B 295 -25.20 21.36 -21.70
CA GLU B 295 -26.27 21.66 -22.67
C GLU B 295 -27.69 21.65 -22.06
N TRP B 296 -27.96 20.62 -21.27
CA TRP B 296 -29.23 20.46 -20.58
C TRP B 296 -29.40 21.57 -19.53
N LEU B 297 -28.34 21.87 -18.78
CA LEU B 297 -28.40 23.02 -17.87
C LEU B 297 -28.67 24.34 -18.60
N ALA B 298 -28.04 24.55 -19.75
CA ALA B 298 -28.22 25.78 -20.51
C ALA B 298 -29.68 26.03 -20.93
N GLU B 299 -30.46 24.96 -21.11
CA GLU B 299 -31.88 25.08 -21.51
C GLU B 299 -32.80 25.13 -20.29
N HIS B 300 -32.23 25.00 -19.09
CA HIS B 300 -33.05 24.93 -17.90
C HIS B 300 -33.49 26.28 -17.35
N PRO B 301 -34.80 26.42 -17.05
CA PRO B 301 -35.40 27.66 -16.55
C PRO B 301 -34.77 28.23 -15.29
N GLN B 302 -34.21 27.39 -14.41
CA GLN B 302 -33.71 27.86 -13.12
C GLN B 302 -32.25 28.31 -13.21
N VAL B 303 -31.67 28.16 -14.39
CA VAL B 303 -30.26 28.41 -14.67
C VAL B 303 -30.03 29.70 -15.44
N ALA B 304 -29.17 30.56 -14.89
CA ALA B 304 -28.91 31.86 -15.48
C ALA B 304 -27.84 31.80 -16.56
N ARG B 305 -26.82 30.98 -16.34
CA ARG B 305 -25.64 30.92 -17.21
C ARG B 305 -24.87 29.64 -16.94
N VAL B 306 -24.20 29.10 -17.96
CA VAL B 306 -23.36 27.90 -17.79
C VAL B 306 -21.94 28.26 -18.21
N ASN B 307 -20.99 27.99 -17.31
CA ASN B 307 -19.59 28.27 -17.54
C ASN B 307 -18.94 26.95 -17.86
N HIS B 308 -19.09 26.48 -19.09
CA HIS B 308 -18.34 25.30 -19.52
C HIS B 308 -17.46 25.73 -20.70
N PRO B 309 -16.12 25.52 -20.64
CA PRO B 309 -15.32 26.01 -21.76
C PRO B 309 -15.77 25.54 -23.16
N ALA B 310 -16.37 24.36 -23.25
CA ALA B 310 -16.80 23.81 -24.55
C ALA B 310 -18.11 24.40 -25.10
N LEU B 311 -18.71 25.32 -24.36
CA LEU B 311 -20.05 25.81 -24.64
C LEU B 311 -20.03 27.27 -25.09
N PRO B 312 -20.65 27.57 -26.26
CA PRO B 312 -20.72 28.98 -26.69
C PRO B 312 -21.34 29.91 -25.61
N GLY B 313 -20.89 31.15 -25.52
CA GLY B 313 -21.37 32.09 -24.50
C GLY B 313 -20.66 32.01 -23.16
N SER B 314 -19.78 31.02 -23.06
CA SER B 314 -18.90 30.85 -21.90
C SER B 314 -17.59 31.65 -22.19
N LYS B 315 -17.07 32.31 -21.16
CA LYS B 315 -15.91 33.20 -21.29
C LYS B 315 -14.67 32.47 -21.80
N GLY B 316 -14.12 32.97 -22.90
CA GLY B 316 -12.96 32.38 -23.56
C GLY B 316 -13.25 31.11 -24.35
N HIS B 317 -14.54 30.80 -24.58
CA HIS B 317 -14.89 29.59 -25.34
C HIS B 317 -14.17 29.51 -26.71
N GLU B 318 -14.08 30.64 -27.40
CA GLU B 318 -13.44 30.68 -28.70
C GLU B 318 -11.94 30.32 -28.60
N PHE B 319 -11.30 30.67 -27.48
CA PHE B 319 -9.89 30.30 -27.28
C PHE B 319 -9.82 28.78 -27.02
N TRP B 320 -10.78 28.27 -26.24
CA TRP B 320 -10.89 26.82 -25.99
C TRP B 320 -10.99 26.02 -27.31
N LYS B 321 -11.85 26.49 -28.21
CA LYS B 321 -12.10 25.80 -29.47
C LYS B 321 -10.85 25.77 -30.35
N ARG B 322 -10.15 26.89 -30.34
CA ARG B 322 -8.96 27.08 -31.14
C ARG B 322 -7.76 26.31 -30.57
N ASP B 323 -7.60 26.35 -29.24
CA ASP B 323 -6.32 25.94 -28.62
C ASP B 323 -6.34 24.59 -27.90
N PHE B 324 -7.53 24.06 -27.59
CA PHE B 324 -7.61 22.82 -26.83
C PHE B 324 -7.97 21.68 -27.77
N THR B 325 -7.61 20.45 -27.40
CA THR B 325 -8.03 19.28 -28.18
C THR B 325 -9.13 18.48 -27.48
N GLY B 326 -9.75 19.07 -26.46
CA GLY B 326 -10.71 18.32 -25.69
C GLY B 326 -11.19 19.09 -24.47
N SER B 327 -12.17 18.51 -23.80
CA SER B 327 -12.64 18.99 -22.51
C SER B 327 -12.56 17.90 -21.42
N SER B 328 -12.38 18.29 -20.15
CA SER B 328 -12.48 17.36 -19.07
C SER B 328 -13.88 17.54 -18.50
N GLY B 329 -14.10 17.16 -17.24
CA GLY B 329 -15.45 17.09 -16.67
C GLY B 329 -15.83 18.13 -15.63
N LEU B 330 -14.92 19.06 -15.38
CA LEU B 330 -15.18 20.15 -14.43
C LEU B 330 -15.77 21.40 -15.07
N PHE B 331 -16.89 21.88 -14.52
CA PHE B 331 -17.43 23.16 -14.94
C PHE B 331 -18.36 23.77 -13.86
N SER B 332 -18.97 24.92 -14.15
CA SER B 332 -19.92 25.49 -13.20
C SER B 332 -21.06 26.12 -13.91
N PHE B 333 -22.11 26.42 -13.14
CA PHE B 333 -23.25 27.13 -13.68
C PHE B 333 -23.77 28.05 -12.58
N VAL B 334 -24.45 29.11 -12.99
CA VAL B 334 -25.02 30.11 -12.10
C VAL B 334 -26.53 29.97 -12.07
N LEU B 335 -27.06 29.76 -10.88
CA LEU B 335 -28.50 29.72 -10.67
C LEU B 335 -29.15 31.10 -10.88
N LYS B 336 -30.40 31.12 -11.32
CA LYS B 336 -31.10 32.40 -11.42
C LYS B 336 -31.29 33.02 -10.01
N LYS B 337 -31.46 32.18 -9.00
CA LYS B 337 -31.60 32.65 -7.63
C LYS B 337 -30.26 32.83 -6.91
N LYS B 338 -30.21 33.75 -5.95
CA LYS B 338 -29.16 33.64 -4.94
C LYS B 338 -29.77 32.93 -3.73
N LEU B 339 -29.40 31.66 -3.55
CA LEU B 339 -30.00 30.83 -2.50
C LEU B 339 -29.67 31.35 -1.10
N ASN B 340 -30.68 31.38 -0.23
CA ASN B 340 -30.43 31.62 1.18
C ASN B 340 -29.96 30.32 1.81
N ASN B 341 -29.61 30.36 3.09
CA ASN B 341 -28.94 29.23 3.73
C ASN B 341 -29.77 27.96 3.76
N GLU B 342 -31.06 28.13 3.97
CA GLU B 342 -31.97 27.00 4.07
C GLU B 342 -32.19 26.35 2.71
N GLU B 343 -32.21 27.16 1.66
CA GLU B 343 -32.46 26.61 0.33
C GLU B 343 -31.18 25.90 -0.09
N LEU B 344 -30.06 26.40 0.40
CA LEU B 344 -28.74 25.89 0.05
C LEU B 344 -28.57 24.50 0.65
N ALA B 345 -28.98 24.36 1.91
CA ALA B 345 -28.96 23.07 2.60
C ALA B 345 -29.92 22.09 1.94
N ASN B 346 -31.11 22.59 1.62
CA ASN B 346 -32.12 21.77 0.97
C ASN B 346 -31.58 21.17 -0.34
N TYR B 347 -30.93 22.01 -1.14
CA TYR B 347 -30.42 21.64 -2.43
C TYR B 347 -29.29 20.65 -2.26
N LEU B 348 -28.24 21.05 -1.54
CA LEU B 348 -27.00 20.28 -1.44
C LEU B 348 -27.09 19.05 -0.57
N ASP B 349 -27.94 19.08 0.46
CA ASP B 349 -27.98 17.96 1.41
C ASP B 349 -28.65 16.71 0.85
N ASN B 350 -29.41 16.88 -0.23
CA ASN B 350 -30.34 15.84 -0.65
C ASN B 350 -30.07 15.16 -1.97
N PHE B 351 -28.86 15.35 -2.47
CA PHE B 351 -28.38 14.66 -3.67
C PHE B 351 -28.12 13.17 -3.44
N SER B 352 -28.38 12.34 -4.45
CA SER B 352 -28.18 10.90 -4.33
C SER B 352 -26.87 10.39 -4.95
N LEU B 353 -26.40 11.07 -5.99
CA LEU B 353 -25.17 10.67 -6.69
C LEU B 353 -24.06 11.69 -6.60
N PHE B 354 -24.38 12.98 -6.58
CA PHE B 354 -23.35 14.02 -6.37
C PHE B 354 -23.03 14.07 -4.87
N SER B 355 -21.75 14.19 -4.53
CA SER B 355 -21.32 14.32 -3.15
C SER B 355 -20.66 15.69 -3.02
N MET B 356 -20.66 16.26 -1.82
CA MET B 356 -19.85 17.46 -1.55
C MET B 356 -18.44 17.07 -1.11
N ALA B 357 -17.45 17.69 -1.74
CA ALA B 357 -16.06 17.47 -1.44
C ALA B 357 -15.26 18.44 -2.29
N TYR B 358 -14.05 18.71 -1.84
CA TYR B 358 -13.04 19.45 -2.59
C TYR B 358 -12.23 18.48 -3.47
N SER B 359 -11.34 19.00 -4.30
CA SER B 359 -10.75 18.19 -5.35
C SER B 359 -11.85 17.76 -6.34
N TRP B 360 -11.43 17.02 -7.35
CA TRP B 360 -12.18 16.73 -8.55
C TRP B 360 -11.25 15.92 -9.45
N GLY B 361 -11.71 15.51 -10.62
CA GLY B 361 -10.84 14.74 -11.49
C GLY B 361 -10.79 13.23 -11.19
N GLY B 362 -11.65 12.79 -10.28
CA GLY B 362 -11.92 11.38 -10.04
C GLY B 362 -13.00 10.76 -10.89
N TYR B 363 -13.36 9.54 -10.54
CA TYR B 363 -14.35 8.77 -11.27
C TYR B 363 -15.75 9.14 -10.84
N GLU B 364 -15.87 9.87 -9.74
CA GLU B 364 -17.21 10.13 -9.18
C GLU B 364 -17.56 11.61 -9.35
N SER B 365 -18.86 11.90 -9.39
CA SER B 365 -19.42 13.26 -9.52
C SER B 365 -19.47 14.04 -8.20
N LEU B 366 -19.11 15.31 -8.26
CA LEU B 366 -19.09 16.18 -7.07
C LEU B 366 -19.80 17.52 -7.33
N ILE B 367 -20.19 18.16 -6.23
CA ILE B 367 -20.98 19.40 -6.24
C ILE B 367 -20.52 20.28 -5.09
N LEU B 368 -20.31 21.56 -5.39
CA LEU B 368 -19.93 22.57 -4.41
C LEU B 368 -20.70 23.84 -4.74
N ALA B 369 -21.13 24.57 -3.70
CA ALA B 369 -21.74 25.89 -3.94
C ALA B 369 -20.80 27.01 -3.58
N ASN B 370 -20.83 28.11 -4.33
CA ASN B 370 -20.16 29.33 -3.90
C ASN B 370 -21.13 30.50 -4.07
N GLN B 371 -21.20 31.38 -3.07
CA GLN B 371 -21.99 32.60 -3.20
C GLN B 371 -21.16 33.70 -3.88
N PRO B 372 -21.82 34.62 -4.60
CA PRO B 372 -21.10 35.71 -5.28
C PRO B 372 -20.13 36.43 -4.35
N GLU B 373 -20.56 36.70 -3.12
CA GLU B 373 -19.69 37.37 -2.13
C GLU B 373 -18.38 36.60 -1.85
N HIS B 374 -18.45 35.27 -1.78
CA HIS B 374 -17.27 34.41 -1.63
C HIS B 374 -16.31 34.58 -2.81
N ILE B 375 -16.86 34.48 -4.02
CA ILE B 375 -16.07 34.64 -5.24
C ILE B 375 -15.54 36.08 -5.38
N ALA B 376 -16.35 37.10 -5.11
CA ALA B 376 -15.81 38.46 -5.22
C ALA B 376 -14.54 38.64 -4.35
N ALA B 377 -14.51 37.95 -3.21
CA ALA B 377 -13.42 38.06 -2.23
C ALA B 377 -12.13 37.38 -2.66
N ILE B 378 -12.22 36.52 -3.68
CA ILE B 378 -11.03 35.81 -4.20
C ILE B 378 -10.80 36.17 -5.64
N ARG B 379 -11.26 37.36 -6.02
CA ARG B 379 -10.97 37.95 -7.33
C ARG B 379 -10.29 39.33 -7.20
N PRO B 380 -9.02 39.35 -6.76
CA PRO B 380 -8.31 40.62 -6.55
C PRO B 380 -8.14 41.43 -7.85
N GLN B 381 -8.17 42.76 -7.75
CA GLN B 381 -8.16 43.67 -8.88
C GLN B 381 -9.07 43.27 -10.03
N GLY B 382 -10.32 42.94 -9.71
CA GLY B 382 -11.29 42.55 -10.71
C GLY B 382 -12.67 42.48 -10.11
N GLU B 383 -13.68 42.37 -10.97
CA GLU B 383 -15.09 42.36 -10.56
C GLU B 383 -15.67 41.05 -10.99
N ILE B 384 -16.66 40.54 -10.27
CA ILE B 384 -17.34 39.34 -10.74
C ILE B 384 -18.39 39.72 -11.77
N ASP B 385 -18.98 38.73 -12.44
CA ASP B 385 -19.99 39.02 -13.48
C ASP B 385 -21.34 38.32 -13.27
N PHE B 386 -21.63 37.86 -12.05
CA PHE B 386 -22.90 37.14 -11.81
C PHE B 386 -23.39 37.58 -10.45
N SER B 387 -24.65 37.25 -10.17
CA SER B 387 -25.23 37.58 -8.88
C SER B 387 -25.99 36.38 -8.25
N GLY B 388 -26.15 35.29 -9.00
CA GLY B 388 -26.85 34.14 -8.42
C GLY B 388 -25.83 33.21 -7.75
N THR B 389 -26.32 32.18 -7.06
CA THR B 389 -25.44 31.19 -6.45
C THR B 389 -24.68 30.40 -7.54
N LEU B 390 -23.40 30.23 -7.34
CA LEU B 390 -22.64 29.51 -8.37
C LEU B 390 -22.48 28.07 -7.88
N ILE B 391 -22.83 27.13 -8.75
CA ILE B 391 -22.58 25.69 -8.52
C ILE B 391 -21.41 25.13 -9.39
N ARG B 392 -20.38 24.59 -8.75
CA ARG B 392 -19.31 23.88 -9.48
C ARG B 392 -19.59 22.38 -9.47
N LEU B 393 -19.68 21.81 -10.67
CA LEU B 393 -19.92 20.36 -10.85
C LEU B 393 -18.66 19.66 -11.35
N HIS B 394 -18.34 18.51 -10.76
CA HIS B 394 -17.45 17.57 -11.41
C HIS B 394 -18.29 16.41 -11.93
N ILE B 395 -18.27 16.19 -13.23
CA ILE B 395 -19.04 15.11 -13.83
C ILE B 395 -18.09 13.88 -13.94
N GLY B 396 -18.39 12.84 -13.17
CA GLY B 396 -17.60 11.61 -13.11
C GLY B 396 -18.05 10.61 -14.17
N LEU B 397 -17.94 9.33 -13.85
CA LEU B 397 -18.18 8.27 -14.84
C LEU B 397 -19.53 7.59 -14.72
N GLU B 398 -20.39 8.10 -13.84
CA GLU B 398 -21.73 7.51 -13.73
C GLU B 398 -22.53 7.70 -15.04
N ASP B 399 -23.70 7.06 -15.10
CA ASP B 399 -24.56 7.22 -16.25
C ASP B 399 -25.06 8.67 -16.32
N VAL B 400 -24.91 9.30 -17.47
CA VAL B 400 -25.21 10.73 -17.60
C VAL B 400 -26.70 11.04 -17.31
N ASP B 401 -27.59 10.13 -17.68
CA ASP B 401 -29.02 10.34 -17.39
C ASP B 401 -29.35 10.25 -15.89
N ASP B 402 -28.66 9.36 -15.18
CA ASP B 402 -28.80 9.26 -13.72
C ASP B 402 -28.34 10.56 -13.11
N LEU B 403 -27.28 11.13 -13.69
CA LEU B 403 -26.73 12.36 -13.17
C LEU B 403 -27.70 13.52 -13.43
N ILE B 404 -28.21 13.61 -14.63
CA ILE B 404 -29.22 14.61 -14.94
C ILE B 404 -30.47 14.47 -14.08
N ALA B 405 -30.93 13.24 -13.83
CA ALA B 405 -32.06 13.04 -12.88
C ALA B 405 -31.78 13.61 -11.48
N ASP B 406 -30.56 13.42 -10.98
CA ASP B 406 -30.18 13.92 -9.65
C ASP B 406 -30.20 15.47 -9.62
N LEU B 407 -29.55 16.09 -10.61
CA LEU B 407 -29.60 17.54 -10.81
C LEU B 407 -31.04 18.01 -10.95
N ASP B 408 -31.84 17.28 -11.72
CA ASP B 408 -33.24 17.64 -11.88
C ASP B 408 -34.02 17.60 -10.55
N ALA B 409 -33.78 16.59 -9.74
CA ALA B 409 -34.47 16.55 -8.44
C ALA B 409 -34.03 17.75 -7.56
N GLY B 410 -32.76 18.13 -7.68
CA GLY B 410 -32.23 19.29 -6.95
C GLY B 410 -32.96 20.58 -7.31
N PHE B 411 -33.22 20.75 -8.60
CA PHE B 411 -33.90 21.95 -9.06
C PHE B 411 -35.28 22.05 -8.41
N ALA B 412 -35.97 20.91 -8.31
CA ALA B 412 -37.32 20.86 -7.76
C ALA B 412 -37.32 21.24 -6.28
N ARG B 413 -36.20 20.98 -5.61
CA ARG B 413 -36.04 21.32 -4.19
C ARG B 413 -35.89 22.82 -3.96
N ILE B 414 -35.48 23.59 -4.98
CA ILE B 414 -35.31 25.06 -4.84
C ILE B 414 -36.16 25.95 -5.78
N VAL B 415 -37.25 25.39 -6.33
CA VAL B 415 -38.13 26.15 -7.25
C VAL B 415 -38.93 27.23 -6.54
O4 P3F C . -3.92 -18.48 8.71
P1 P3F C . -3.13 -17.67 9.73
O2 P3F C . -3.98 -17.00 10.79
O3 P3F C . -1.98 -16.82 9.19
O1 P3F C . -2.34 -18.84 10.52
C5 P3F C . -3.07 -19.84 11.25
C4 P3F C . -2.23 -20.42 12.38
C3 P3F C . -1.36 -21.47 12.04
N1 P3F C . -0.61 -22.07 12.97
C2 P3F C . -0.62 -21.69 14.26
C1 P3F C . 0.27 -22.41 15.27
C17 P3F C . -1.50 -20.65 14.63
O9 P3F C . -1.51 -20.28 15.94
C6 P3F C . -2.28 -19.95 13.69
C7 P3F C . -3.27 -18.93 14.23
N2 P3F C . -3.53 -17.71 14.63
N3 P3F C . -4.85 -17.78 15.25
C8 P3F C . -5.29 -17.81 16.62
O5 P3F C . -4.73 -17.64 17.72
C9 P3F C . -6.77 -18.05 16.70
N4 P3F C . -7.51 -18.50 15.53
C10 P3F C . -8.59 -19.37 15.63
O6 P3F C . -9.00 -19.92 16.69
C11 P3F C . -9.33 -19.70 14.39
C16 P3F C . -9.93 -18.65 13.68
C18 P3F C . -9.91 -17.31 14.20
F2 P3F C . -10.63 -17.25 15.34
F1 P3F C . -10.41 -16.45 13.30
F3 P3F C . -8.74 -16.87 14.55
C12 P3F C . -9.39 -20.99 13.87
C13 P3F C . -10.10 -21.20 12.67
C14 P3F C . -10.68 -20.16 11.99
C15 P3F C . -10.63 -18.86 12.50
O4 P3F D . -2.64 20.34 -3.60
P1 P3F D . -3.68 19.52 -4.35
O2 P3F D . -5.06 19.48 -3.68
O3 P3F D . -3.07 18.34 -5.11
O1 P3F D . -3.82 20.45 -5.66
C5 P3F D . -4.10 21.85 -5.53
C4 P3F D . -4.88 22.39 -6.72
C3 P3F D . -4.09 22.97 -7.72
N1 P3F D . -4.67 23.51 -8.82
C2 P3F D . -6.04 23.51 -9.02
C1 P3F D . -6.59 24.11 -10.32
C17 P3F D . -6.84 22.92 -8.03
O9 P3F D . -8.19 22.88 -8.20
C6 P3F D . -6.27 22.32 -6.89
C7 P3F D . -7.32 21.86 -5.90
N2 P3F D . -8.25 21.01 -5.75
N3 P3F D . -9.00 21.37 -4.57
C8 P3F D . -10.28 22.01 -4.47
O5 P3F D . -11.18 22.26 -5.31
C9 P3F D . -10.52 22.28 -2.98
N4 P3F D . -9.58 23.17 -2.25
C10 P3F D . -9.87 24.09 -1.25
O6 P3F D . -11.03 24.39 -0.74
C11 P3F D . -8.82 24.87 -0.55
C16 P3F D . -8.04 24.17 0.40
C18 P3F D . -8.31 22.81 0.73
F2 P3F D . -9.60 22.69 1.10
F1 P3F D . -7.53 22.63 1.82
F3 P3F D . -8.27 22.00 -0.33
C12 P3F D . -8.66 26.22 -0.81
C13 P3F D . -7.62 26.84 -0.06
C14 P3F D . -6.86 26.12 0.94
C15 P3F D . -7.04 24.77 1.16
#